data_3I7N
#
_entry.id   3I7N
#
_cell.length_a   63.614
_cell.length_b   133.877
_cell.length_c   183.224
_cell.angle_alpha   90.00
_cell.angle_beta   90.00
_cell.angle_gamma   90.00
#
_symmetry.space_group_name_H-M   'P 21 21 21'
#
loop_
_entity.id
_entity.type
_entity.pdbx_description
1 polymer 'DNA damage-binding protein 1'
2 polymer 'WD and tetratricopeptide repeats protein 1'
#
loop_
_entity_poly.entity_id
_entity_poly.type
_entity_poly.pdbx_seq_one_letter_code
_entity_poly.pdbx_strand_id
1 'polypeptide(L)'
;GSHMSYNYVVTAQKPTAVNGCVTGHFTSAEDLNLLIAKNTRLEIYVVTAEGLRPVKEVGMYGKIAVMELFRPKGESKDLL
FILTAKYNACILEYKQSGESIDIITRAHGNVQDRIGRPSETGIIGIIDPECRMIGLRLYDGLFKVIPLDRDNKELKAFNI
RLEELHVIDVKFLYGCQAPTICFVYQDPQGRHVKTYEVSLREKEFNKGPWKQENVEAEASMVIAVPEPFGGAIIIGQESI
TYHNGDKYLAIAPPIIKQSTIVCHNRVDPNGSRYLLGDMEGRLFMLLLEKEEQMDGTVTLKDLRVELLGETSIAECLTYL
DNGVVFVGSRLGDSQLVKLNVDSNEQGSYVVAMETFTNLGPIVDMCVVDLERQGQGQLVTCSGAFKEGSLRIIRNGIGIH
EHASIDLPGIKGLWPLRSDPNRETYDTLVLSFVGQTRVLMLNGEEVEETELMGFVDDQQTFFCGNVAHQQLIQITSASVR
LVSQEPKALVSEWKEPQAKNISVASCNSSQVVVAVGRALYYLQIHPQELRQISHTEMEHEVACLDITPLGDSNGLSPLCA
IGLWTDISARILKLPSFELLHKEMLGGEIIPRSILMTTFESSHYLLCALGDGALFYFGLNIETGLLSDRKKVTLGTQPTV
LRTFRSLSTTNVFACSDRPTVIYSSNHKLVFSNVNLKEVNYMCPLNSDGYPDSLALANNSTLTIGTIDEIQKLHIRTVPL
YESPRKICYQEVSQCFGVLSSRIEVQDTSGGTTALRPSASTQALSSSVSSSKLFSSSTAPHETSFGEEVEVHNLLIIDQH
TFEVLHAHQFLQNEYALSLVSCKLGKDPNTYFIVGTAMVYPEEAEPKQGRIVVFQYSDGKLQTVAEKEVKGAVYSMVEFN
GKLLASINSTVRLYEWTTEKDVRTECNHYNNIMALYLKTKGDFILVGDLMRSVLLLAYKPMEGNFEEIARDFNPNWMSAV
EILDDDNFLGAENAFNLFVCQKDSAATTDEERQHLQEVGLFHLGEFVNVFCHGSLVMQNLGETSTPTQGSVLFGTVNGMI
GLVTSLSESWYNLLLDMQNRLNKVIKSVGKIEHSFWRSFHTERKTEPATGFIDGDLIESFLDISRPKMQEVVANLQYDDG
SGMKREATADDLIKVVEELTRIH
;
A
2 'polypeptide(L)' NITRDLIRRQIKE B
#
# COMPACT_ATOMS: atom_id res chain seq x y z
N MET A 4 12.37 14.36 -26.74
CA MET A 4 12.14 12.90 -26.98
C MET A 4 12.60 11.93 -25.84
N SER A 5 12.05 12.11 -24.63
CA SER A 5 12.14 11.11 -23.55
C SER A 5 10.78 10.45 -23.40
N TYR A 6 10.77 9.15 -23.13
CA TYR A 6 9.49 8.41 -23.09
C TYR A 6 9.36 7.43 -21.92
N ASN A 7 8.78 7.89 -20.82
CA ASN A 7 8.68 7.03 -19.65
C ASN A 7 7.28 6.82 -19.22
N TYR A 8 7.17 5.79 -18.40
CA TYR A 8 5.93 5.27 -17.95
C TYR A 8 6.12 5.13 -16.44
N VAL A 9 5.16 5.62 -15.65
CA VAL A 9 5.21 5.43 -14.21
C VAL A 9 3.93 4.79 -13.68
N VAL A 10 4.07 3.72 -12.90
CA VAL A 10 2.92 3.09 -12.22
C VAL A 10 3.11 2.96 -10.74
N THR A 11 1.99 2.93 -10.01
CA THR A 11 2.00 2.63 -8.59
C THR A 11 2.07 1.12 -8.40
N ALA A 12 3.00 0.66 -7.58
CA ALA A 12 3.03 -0.75 -7.20
C ALA A 12 2.29 -0.92 -5.89
N GLN A 13 2.40 0.07 -5.01
CA GLN A 13 1.72 0.04 -3.72
C GLN A 13 1.18 1.41 -3.45
N LYS A 14 -0.13 1.50 -3.19
CA LYS A 14 -0.75 2.80 -2.92
C LYS A 14 -0.16 3.43 -1.63
N PRO A 15 -0.24 4.76 -1.47
CA PRO A 15 0.26 5.29 -0.19
C PRO A 15 -0.47 4.66 0.99
N THR A 16 0.25 4.38 2.06
CA THR A 16 -0.39 3.70 3.19
C THR A 16 -0.34 4.51 4.45
N ALA A 17 0.34 5.64 4.41
CA ALA A 17 0.38 6.57 5.51
C ALA A 17 -0.96 7.31 5.62
N VAL A 18 -1.26 7.86 6.77
CA VAL A 18 -2.59 8.42 6.98
C VAL A 18 -2.42 9.85 7.37
N ASN A 19 -2.95 10.72 6.51
CA ASN A 19 -2.70 12.14 6.58
C ASN A 19 -3.86 12.79 7.27
N GLY A 20 -5.03 12.19 7.08
CA GLY A 20 -6.23 12.73 7.68
C GLY A 20 -7.28 11.69 7.88
N CYS A 21 -8.11 11.89 8.88
CA CYS A 21 -9.22 10.99 9.11
C CYS A 21 -10.33 11.81 9.73
N VAL A 22 -11.57 11.58 9.31
CA VAL A 22 -12.67 12.39 9.86
C VAL A 22 -13.90 11.49 9.96
N THR A 23 -14.68 11.70 11.03
CA THR A 23 -15.88 10.89 11.34
C THR A 23 -17.23 11.61 11.08
N GLY A 24 -18.25 10.86 10.68
CA GLY A 24 -19.57 11.49 10.46
C GLY A 24 -20.53 10.63 9.69
N HIS A 25 -21.65 11.23 9.24
CA HIS A 25 -22.75 10.49 8.61
C HIS A 25 -22.85 10.90 7.17
N PHE A 26 -22.04 10.24 6.32
CA PHE A 26 -21.75 10.70 4.97
C PHE A 26 -22.42 9.76 4.03
N THR A 27 -22.67 8.59 4.57
CA THR A 27 -23.28 7.53 3.83
C THR A 27 -24.83 7.56 4.00
N SER A 28 -25.29 7.82 5.23
CA SER A 28 -26.72 7.88 5.58
C SER A 28 -26.83 8.74 6.81
N ALA A 29 -28.01 9.29 7.08
CA ALA A 29 -28.20 10.13 8.27
C ALA A 29 -27.94 9.28 9.49
N GLU A 30 -28.20 7.99 9.32
CA GLU A 30 -27.95 7.01 10.34
C GLU A 30 -26.95 6.07 9.69
N ASP A 31 -25.70 6.38 9.96
CA ASP A 31 -24.53 5.63 9.56
C ASP A 31 -23.46 6.41 10.23
N LEU A 32 -22.48 5.69 10.74
CA LEU A 32 -21.28 6.27 11.25
C LEU A 32 -20.23 5.82 10.27
N ASN A 33 -19.54 6.80 9.70
CA ASN A 33 -18.45 6.59 8.79
C ASN A 33 -17.13 7.09 9.37
N LEU A 34 -16.09 6.42 8.96
CA LEU A 34 -14.77 6.97 9.14
C LEU A 34 -14.22 7.12 7.74
N LEU A 35 -13.94 8.38 7.41
CA LEU A 35 -13.25 8.75 6.18
C LEU A 35 -11.75 8.84 6.44
N ILE A 36 -10.98 8.03 5.73
CA ILE A 36 -9.54 8.09 5.93
C ILE A 36 -8.90 8.64 4.68
N ALA A 37 -8.11 9.68 4.87
CA ALA A 37 -7.34 10.33 3.81
C ALA A 37 -5.88 9.85 3.80
N LYS A 38 -5.50 9.16 2.74
CA LYS A 38 -4.10 8.87 2.52
C LYS A 38 -3.46 10.11 1.91
N ASN A 39 -3.01 10.04 0.69
CA ASN A 39 -2.48 11.23 0.07
C ASN A 39 -3.53 11.57 -0.99
N THR A 40 -3.62 10.71 -1.99
CA THR A 40 -4.47 10.92 -3.11
C THR A 40 -5.57 9.88 -3.08
N ARG A 41 -5.85 9.34 -1.90
CA ARG A 41 -6.77 8.23 -1.75
C ARG A 41 -7.69 8.54 -0.61
N LEU A 42 -8.99 8.52 -0.88
CA LEU A 42 -9.97 8.72 0.17
C LEU A 42 -10.61 7.37 0.48
N GLU A 43 -10.74 7.04 1.76
CA GLU A 43 -11.26 5.71 2.17
C GLU A 43 -12.46 5.95 3.06
N ILE A 44 -13.56 5.35 2.67
CA ILE A 44 -14.83 5.51 3.35
C ILE A 44 -15.21 4.19 4.01
N TYR A 45 -15.52 4.23 5.29
CA TYR A 45 -15.91 3.02 5.99
C TYR A 45 -17.22 3.22 6.74
N VAL A 46 -17.84 2.11 7.14
CA VAL A 46 -18.91 2.19 8.11
C VAL A 46 -18.46 1.50 9.36
N VAL A 47 -18.53 2.23 10.47
CA VAL A 47 -18.24 1.70 11.80
C VAL A 47 -19.31 0.70 12.21
N THR A 48 -18.85 -0.44 12.71
CA THR A 48 -19.71 -1.56 13.05
C THR A 48 -19.25 -2.13 14.37
N ALA A 49 -19.98 -3.12 14.90
CA ALA A 49 -19.57 -3.84 16.11
C ALA A 49 -18.17 -4.44 15.95
N GLU A 50 -17.91 -4.99 14.78
CA GLU A 50 -16.59 -5.55 14.46
C GLU A 50 -15.55 -4.45 14.28
N GLY A 51 -16.01 -3.24 13.98
CA GLY A 51 -15.13 -2.13 13.60
C GLY A 51 -15.49 -1.59 12.21
N LEU A 52 -14.57 -1.74 11.27
CA LEU A 52 -14.71 -1.04 9.99
C LEU A 52 -15.28 -1.87 8.84
N ARG A 53 -16.46 -1.49 8.35
CA ARG A 53 -17.01 -2.09 7.15
C ARG A 53 -16.52 -1.26 5.99
N PRO A 54 -15.59 -1.79 5.17
CA PRO A 54 -15.21 -1.04 3.98
C PRO A 54 -16.39 -0.79 3.04
N VAL A 55 -16.47 0.41 2.49
CA VAL A 55 -17.58 0.75 1.63
C VAL A 55 -17.13 1.35 0.30
N LYS A 56 -16.18 2.30 0.36
CA LYS A 56 -15.78 3.02 -0.86
C LYS A 56 -14.36 3.57 -0.80
N GLU A 57 -13.60 3.27 -1.84
CA GLU A 57 -12.23 3.75 -1.95
C GLU A 57 -12.06 4.38 -3.29
N VAL A 58 -12.09 5.70 -3.32
CA VAL A 58 -11.70 6.46 -4.51
C VAL A 58 -10.32 7.12 -4.40
N GLY A 59 -9.79 7.45 -5.58
CA GLY A 59 -8.57 8.20 -5.71
C GLY A 59 -8.93 9.56 -6.26
N MET A 60 -8.19 10.57 -5.81
CA MET A 60 -8.33 11.90 -6.37
C MET A 60 -7.08 12.35 -7.10
N TYR A 61 -7.26 13.41 -7.89
CA TYR A 61 -6.19 13.92 -8.71
C TYR A 61 -5.42 15.02 -7.98
N GLY A 62 -5.00 14.72 -6.77
CA GLY A 62 -4.31 15.70 -5.95
C GLY A 62 -4.08 15.15 -4.55
N LYS A 63 -3.30 15.87 -3.78
CA LYS A 63 -2.93 15.45 -2.46
C LYS A 63 -3.96 16.12 -1.58
N ILE A 64 -4.73 15.35 -0.81
CA ILE A 64 -5.73 15.91 0.09
C ILE A 64 -5.08 16.71 1.23
N ALA A 65 -5.28 18.04 1.23
CA ALA A 65 -4.82 18.92 2.33
C ALA A 65 -5.92 19.26 3.37
N VAL A 66 -7.18 19.26 2.98
CA VAL A 66 -8.26 19.57 3.91
C VAL A 66 -9.35 18.54 3.70
N MET A 67 -9.93 18.04 4.79
CA MET A 67 -11.01 17.07 4.66
C MET A 67 -12.02 17.28 5.79
N GLU A 68 -13.23 17.73 5.45
CA GLU A 68 -14.21 18.04 6.48
C GLU A 68 -15.59 17.56 6.11
N LEU A 69 -16.35 17.07 7.08
CA LEU A 69 -17.77 16.79 6.83
C LEU A 69 -18.57 17.91 7.46
N PHE A 70 -19.64 18.30 6.78
CA PHE A 70 -20.52 19.36 7.26
C PHE A 70 -21.87 19.07 6.71
N ARG A 71 -22.86 19.73 7.29
CA ARG A 71 -24.25 19.60 6.89
C ARG A 71 -24.88 20.95 7.13
N PRO A 72 -25.22 21.66 6.05
CA PRO A 72 -25.99 22.91 6.15
C PRO A 72 -27.43 22.65 6.55
N LYS A 73 -28.37 23.24 5.82
CA LYS A 73 -29.79 23.08 6.15
C LYS A 73 -30.55 22.44 4.98
N GLY A 74 -31.54 21.61 5.31
CA GLY A 74 -32.35 20.92 4.31
C GLY A 74 -31.64 19.68 3.79
N GLU A 75 -30.32 19.70 3.93
CA GLU A 75 -29.44 18.57 3.59
C GLU A 75 -29.69 17.34 4.47
N SER A 76 -30.06 16.23 3.86
CA SER A 76 -30.47 15.02 4.60
C SER A 76 -29.33 14.33 5.34
N LYS A 77 -28.13 14.39 4.75
CA LYS A 77 -26.90 13.86 5.35
C LYS A 77 -25.70 14.77 5.08
N ASP A 78 -24.60 14.49 5.77
CA ASP A 78 -23.33 15.24 5.64
C ASP A 78 -22.74 15.23 4.23
N LEU A 79 -22.29 16.38 3.77
CA LEU A 79 -21.50 16.46 2.56
C LEU A 79 -20.01 16.60 2.93
N LEU A 80 -19.14 16.42 1.95
CA LEU A 80 -17.72 16.39 2.26
C LEU A 80 -16.98 17.48 1.54
N PHE A 81 -16.19 18.24 2.29
CA PHE A 81 -15.36 19.27 1.70
C PHE A 81 -13.92 18.81 1.57
N ILE A 82 -13.37 18.90 0.36
CA ILE A 82 -11.98 18.54 0.15
C ILE A 82 -11.17 19.57 -0.60
N LEU A 83 -10.12 20.06 0.05
CA LEU A 83 -9.15 20.90 -0.60
C LEU A 83 -7.85 20.17 -0.94
N THR A 84 -7.48 20.19 -2.21
CA THR A 84 -6.25 19.67 -2.71
C THR A 84 -5.05 20.63 -2.50
N ALA A 85 -3.83 20.10 -2.55
CA ALA A 85 -2.65 20.94 -2.36
C ALA A 85 -2.35 21.86 -3.56
N LYS A 86 -2.89 21.55 -4.73
CA LYS A 86 -2.75 22.42 -5.91
C LYS A 86 -3.99 23.31 -5.91
N TYR A 87 -4.54 23.42 -4.71
CA TYR A 87 -5.59 24.37 -4.37
C TYR A 87 -6.92 24.03 -5.07
N ASN A 88 -7.06 22.80 -5.55
CA ASN A 88 -8.38 22.25 -5.99
C ASN A 88 -9.36 22.10 -4.81
N ALA A 89 -10.46 22.84 -4.85
CA ALA A 89 -11.41 22.79 -3.79
C ALA A 89 -12.59 22.11 -4.39
N CYS A 90 -13.21 21.18 -3.66
CA CYS A 90 -14.44 20.58 -4.19
C CYS A 90 -15.34 20.17 -3.05
N ILE A 91 -16.58 19.79 -3.37
CA ILE A 91 -17.55 19.37 -2.38
C ILE A 91 -18.24 18.10 -2.79
N LEU A 92 -18.39 17.14 -1.88
CA LEU A 92 -18.79 15.84 -2.37
C LEU A 92 -19.95 15.22 -1.58
N GLU A 93 -20.65 14.35 -2.30
CA GLU A 93 -21.87 13.72 -1.84
C GLU A 93 -21.80 12.25 -2.16
N TYR A 94 -22.22 11.43 -1.19
CA TYR A 94 -22.23 9.99 -1.37
C TYR A 94 -23.52 9.54 -2.00
N LYS A 95 -23.41 8.97 -3.19
CA LYS A 95 -24.64 8.58 -3.90
C LYS A 95 -24.73 7.08 -4.13
N GLN A 96 -25.67 6.44 -3.48
CA GLN A 96 -25.83 5.01 -3.73
C GLN A 96 -26.99 4.69 -4.67
N SER A 97 -26.72 4.66 -5.97
CA SER A 97 -27.75 4.28 -6.94
C SER A 97 -28.21 2.84 -6.70
N GLY A 98 -28.92 2.65 -5.58
CA GLY A 98 -29.41 1.36 -5.12
C GLY A 98 -28.33 0.31 -4.88
N GLU A 99 -27.64 -0.08 -5.96
CA GLU A 99 -26.62 -1.14 -5.90
C GLU A 99 -25.27 -0.64 -6.42
N SER A 100 -25.30 0.52 -7.10
CA SER A 100 -24.08 1.18 -7.56
C SER A 100 -23.77 2.33 -6.64
N ILE A 101 -22.51 2.72 -6.62
CA ILE A 101 -22.07 3.80 -5.75
C ILE A 101 -21.27 4.81 -6.53
N ASP A 102 -21.44 6.07 -6.13
CA ASP A 102 -20.84 7.20 -6.81
C ASP A 102 -20.57 8.29 -5.81
N ILE A 103 -19.41 8.90 -5.95
CA ILE A 103 -19.14 10.11 -5.21
C ILE A 103 -19.25 11.26 -6.19
N ILE A 104 -20.27 12.10 -5.98
CA ILE A 104 -20.62 13.16 -6.94
C ILE A 104 -20.12 14.53 -6.49
N THR A 105 -19.69 15.34 -7.45
CA THR A 105 -19.23 16.68 -7.14
C THR A 105 -20.36 17.67 -7.28
N ARG A 106 -20.74 18.22 -6.13
CA ARG A 106 -21.82 19.18 -5.98
C ARG A 106 -21.36 20.57 -6.30
N ALA A 107 -20.08 20.81 -6.12
CA ALA A 107 -19.48 22.10 -6.45
C ALA A 107 -17.99 21.90 -6.57
N HIS A 108 -17.32 22.85 -7.24
CA HIS A 108 -15.88 22.84 -7.34
C HIS A 108 -15.27 24.06 -7.99
N GLY A 109 -14.01 24.30 -7.67
CA GLY A 109 -13.26 25.33 -8.34
C GLY A 109 -11.92 25.50 -7.67
N ASN A 110 -11.00 26.12 -8.40
CA ASN A 110 -9.68 26.29 -7.89
C ASN A 110 -9.51 27.62 -7.18
N VAL A 111 -9.06 27.52 -5.92
CA VAL A 111 -8.95 28.67 -5.03
C VAL A 111 -7.51 29.18 -4.83
N GLN A 112 -6.55 28.69 -5.57
CA GLN A 112 -5.24 29.32 -5.47
C GLN A 112 -5.32 30.79 -5.90
N ASP A 113 -4.37 31.62 -5.47
CA ASP A 113 -4.29 33.03 -5.89
C ASP A 113 -2.89 33.31 -6.36
N ARG A 114 -2.75 33.95 -7.52
CA ARG A 114 -1.41 34.39 -8.01
C ARG A 114 -0.62 35.12 -6.91
N ILE A 115 -1.31 35.99 -6.19
CA ILE A 115 -0.78 36.70 -5.03
C ILE A 115 -0.65 35.74 -3.85
N GLY A 116 0.46 35.85 -3.13
CA GLY A 116 0.59 35.11 -1.88
C GLY A 116 1.65 34.04 -1.77
N ARG A 117 2.32 34.06 -0.61
CA ARG A 117 3.38 33.12 -0.23
C ARG A 117 2.83 32.09 0.76
N PRO A 118 2.89 30.76 0.41
CA PRO A 118 2.14 29.70 1.13
C PRO A 118 2.58 29.69 2.58
N SER A 119 1.64 29.68 3.52
CA SER A 119 1.98 30.25 4.86
C SER A 119 2.74 29.39 5.89
N GLU A 120 2.62 29.79 7.14
CA GLU A 120 3.23 29.06 8.24
C GLU A 120 2.25 28.13 8.90
N THR A 121 2.55 26.83 8.82
CA THR A 121 1.66 25.77 9.27
C THR A 121 0.78 25.25 8.13
N GLY A 122 1.06 25.71 6.91
CA GLY A 122 0.49 25.13 5.67
C GLY A 122 -0.98 25.42 5.50
N ILE A 123 -1.60 24.80 4.48
CA ILE A 123 -3.04 25.02 4.23
C ILE A 123 -3.84 24.67 5.48
N ILE A 124 -4.90 25.42 5.75
CA ILE A 124 -5.80 25.16 6.86
C ILE A 124 -7.17 25.52 6.32
N GLY A 125 -8.14 24.63 6.46
CA GLY A 125 -9.49 24.84 5.87
C GLY A 125 -10.51 24.66 6.95
N ILE A 126 -11.27 25.68 7.28
CA ILE A 126 -12.16 25.48 8.43
C ILE A 126 -13.56 25.77 7.98
N ILE A 127 -14.53 25.36 8.80
CA ILE A 127 -15.92 25.52 8.45
C ILE A 127 -16.72 25.86 9.68
N ASP A 128 -17.49 26.95 9.55
CA ASP A 128 -18.38 27.49 10.57
C ASP A 128 -19.41 26.46 10.99
N PRO A 129 -19.72 26.38 12.30
CA PRO A 129 -20.83 25.59 12.86
C PRO A 129 -22.18 25.76 12.14
N GLU A 130 -22.62 26.98 11.90
CA GLU A 130 -23.88 27.16 11.17
C GLU A 130 -23.79 26.84 9.69
N CYS A 131 -22.57 26.64 9.20
CA CYS A 131 -22.33 26.29 7.80
C CYS A 131 -22.54 27.46 6.87
N ARG A 132 -22.42 28.66 7.42
CA ARG A 132 -22.59 29.86 6.65
C ARG A 132 -21.46 30.02 5.63
N MET A 133 -20.29 29.44 5.93
CA MET A 133 -19.15 29.54 5.02
C MET A 133 -18.06 28.51 5.25
N ILE A 134 -17.01 28.63 4.42
CA ILE A 134 -15.76 27.90 4.60
C ILE A 134 -14.64 28.93 4.69
N GLY A 135 -13.77 28.73 5.67
CA GLY A 135 -12.64 29.61 5.88
C GLY A 135 -11.34 28.91 5.51
N LEU A 136 -10.57 29.57 4.64
CA LEU A 136 -9.28 29.10 4.19
C LEU A 136 -8.15 30.00 4.66
N ARG A 137 -6.99 29.40 4.86
CA ARG A 137 -5.80 30.12 5.10
C ARG A 137 -4.80 29.48 4.21
N LEU A 138 -4.68 29.98 3.00
CA LEU A 138 -3.68 29.49 2.11
C LEU A 138 -2.40 30.34 2.22
N TYR A 139 -2.55 31.63 2.48
CA TYR A 139 -1.38 32.52 2.40
C TYR A 139 -1.25 33.41 3.61
N ASP A 140 -0.05 33.92 3.83
CA ASP A 140 0.14 34.94 4.86
C ASP A 140 -0.57 36.22 4.46
N GLY A 141 -1.27 36.85 5.39
CA GLY A 141 -1.85 38.14 5.10
C GLY A 141 -3.23 38.02 4.50
N LEU A 142 -3.49 36.93 3.81
CA LEU A 142 -4.83 36.74 3.27
C LEU A 142 -5.60 35.81 4.14
N PHE A 143 -6.91 35.89 4.00
CA PHE A 143 -7.80 34.93 4.59
C PHE A 143 -8.90 34.82 3.56
N LYS A 144 -9.01 33.68 2.90
CA LYS A 144 -9.99 33.46 1.81
C LYS A 144 -11.35 32.89 2.37
N VAL A 145 -12.47 33.40 1.91
CA VAL A 145 -13.73 32.91 2.42
C VAL A 145 -14.56 32.40 1.27
N ILE A 146 -15.04 31.17 1.39
CA ILE A 146 -15.95 30.68 0.35
C ILE A 146 -17.34 30.56 0.92
N PRO A 147 -18.24 31.48 0.53
CA PRO A 147 -19.62 31.59 1.06
C PRO A 147 -20.45 30.43 0.57
N LEU A 148 -21.01 29.70 1.53
CA LEU A 148 -21.90 28.59 1.21
C LEU A 148 -23.30 29.12 0.90
N ASP A 149 -23.76 28.77 -0.30
CA ASP A 149 -25.02 29.17 -0.88
C ASP A 149 -25.45 28.02 -1.74
N ARG A 150 -26.69 28.04 -2.19
CA ARG A 150 -27.21 26.91 -2.91
C ARG A 150 -26.49 26.85 -4.24
N ASP A 151 -26.20 28.04 -4.76
CA ASP A 151 -25.46 28.18 -5.99
C ASP A 151 -23.99 27.98 -5.66
N ASN A 152 -23.20 29.01 -5.92
CA ASN A 152 -21.76 28.95 -5.75
C ASN A 152 -21.18 27.60 -6.14
N LYS A 153 -21.76 27.00 -7.18
CA LYS A 153 -21.38 25.67 -7.60
C LYS A 153 -19.93 25.63 -8.12
N GLU A 154 -19.39 26.84 -8.34
CA GLU A 154 -18.01 27.05 -8.78
C GLU A 154 -17.13 27.55 -7.62
N LEU A 155 -17.69 27.62 -6.41
CA LEU A 155 -16.98 28.05 -5.18
C LEU A 155 -16.18 29.33 -5.37
N LYS A 156 -16.90 30.39 -5.69
CA LYS A 156 -16.27 31.69 -5.83
C LYS A 156 -15.97 32.15 -4.42
N ALA A 157 -14.93 32.95 -4.26
CA ALA A 157 -14.49 33.29 -2.91
C ALA A 157 -13.86 34.66 -2.87
N PHE A 158 -13.92 35.31 -1.72
CA PHE A 158 -13.21 36.57 -1.56
C PHE A 158 -12.10 36.43 -0.53
N ASN A 159 -11.09 37.28 -0.69
CA ASN A 159 -10.02 37.41 0.26
C ASN A 159 -10.24 38.63 1.17
N ILE A 160 -9.91 38.51 2.46
CA ILE A 160 -9.89 39.65 3.37
C ILE A 160 -8.46 39.88 3.84
N ARG A 161 -8.07 41.13 4.05
CA ARG A 161 -6.70 41.39 4.52
C ARG A 161 -6.56 40.96 5.98
N LEU A 162 -5.47 40.24 6.22
CA LEU A 162 -5.19 39.72 7.56
C LEU A 162 -3.99 40.43 8.13
N GLU A 163 -4.27 41.29 9.11
CA GLU A 163 -3.27 42.12 9.75
C GLU A 163 -2.10 41.28 10.27
N GLU A 164 -2.43 40.11 10.83
CA GLU A 164 -1.40 39.23 11.38
C GLU A 164 -0.78 38.31 10.34
N LEU A 165 0.48 38.62 10.01
CA LEU A 165 1.26 37.97 8.96
C LEU A 165 1.78 36.56 9.32
N HIS A 166 1.50 36.08 10.52
CA HIS A 166 2.06 34.81 10.99
C HIS A 166 1.13 34.03 11.94
N VAL A 167 0.12 33.43 11.35
CA VAL A 167 -0.90 32.72 12.11
C VAL A 167 -0.59 31.22 12.26
N ILE A 168 -0.57 30.76 13.53
CA ILE A 168 -0.29 29.36 13.86
C ILE A 168 -1.43 28.35 13.58
N ASP A 169 -2.62 28.65 14.10
CA ASP A 169 -3.78 27.76 13.92
C ASP A 169 -5.02 28.66 14.05
N VAL A 170 -6.15 28.22 13.50
CA VAL A 170 -7.40 28.96 13.54
C VAL A 170 -8.53 27.98 13.58
N LYS A 171 -9.60 28.35 14.27
CA LYS A 171 -10.87 27.66 14.20
C LYS A 171 -11.95 28.70 14.23
N PHE A 172 -13.14 28.30 13.76
CA PHE A 172 -14.39 29.01 14.03
C PHE A 172 -14.95 28.64 15.38
N LEU A 173 -15.28 29.69 16.16
CA LEU A 173 -15.89 29.59 17.48
C LEU A 173 -17.32 29.12 17.43
N TYR A 174 -17.78 28.56 18.54
CA TYR A 174 -19.16 28.11 18.65
C TYR A 174 -19.96 29.11 19.44
N GLY A 175 -21.27 29.02 19.24
CA GLY A 175 -22.24 29.88 19.90
C GLY A 175 -21.90 31.32 19.63
N CYS A 176 -21.55 31.61 18.38
CA CYS A 176 -21.26 32.97 17.98
C CYS A 176 -22.32 33.40 17.00
N GLN A 177 -22.92 34.55 17.27
CA GLN A 177 -23.96 35.10 16.42
C GLN A 177 -23.39 35.26 15.03
N ALA A 178 -22.44 36.17 14.92
CA ALA A 178 -21.68 36.33 13.70
C ALA A 178 -20.59 35.26 13.61
N PRO A 179 -20.41 34.68 12.39
CA PRO A 179 -19.26 33.85 12.10
C PRO A 179 -18.04 34.47 12.73
N THR A 180 -17.41 33.75 13.65
CA THR A 180 -16.28 34.27 14.37
C THR A 180 -15.17 33.27 14.33
N ILE A 181 -13.94 33.75 14.14
CA ILE A 181 -12.76 32.92 14.10
C ILE A 181 -11.89 33.23 15.29
N CYS A 182 -11.16 32.22 15.75
CA CYS A 182 -10.27 32.35 16.87
C CYS A 182 -8.93 31.83 16.44
N PHE A 183 -7.87 32.60 16.66
CA PHE A 183 -6.57 32.19 16.17
C PHE A 183 -5.33 32.48 17.05
N VAL A 184 -4.29 31.69 16.90
CA VAL A 184 -3.06 31.93 17.61
C VAL A 184 -2.08 32.47 16.58
N TYR A 185 -1.45 33.59 16.87
CA TYR A 185 -0.54 34.17 15.87
C TYR A 185 0.71 34.63 16.53
N GLN A 186 1.75 34.85 15.73
CA GLN A 186 3.06 35.17 16.28
C GLN A 186 3.63 36.49 15.75
N ASP A 187 4.12 37.31 16.66
CA ASP A 187 4.68 38.60 16.31
C ASP A 187 6.07 38.79 16.90
N PRO A 188 6.53 39.98 17.21
CA PRO A 188 7.71 39.98 18.03
C PRO A 188 7.25 40.20 19.45
N GLN A 189 7.79 39.45 20.40
CA GLN A 189 7.33 39.63 21.75
C GLN A 189 6.20 38.69 22.06
N GLY A 190 6.31 37.49 21.54
CA GLY A 190 5.35 36.42 21.72
C GLY A 190 4.15 36.01 20.88
N ARG A 191 3.34 35.11 21.42
CA ARG A 191 2.15 34.63 20.73
C ARG A 191 0.90 35.12 21.42
N HIS A 192 -0.18 35.15 20.66
CA HIS A 192 -1.37 35.82 21.09
C HIS A 192 -2.57 35.13 20.49
N VAL A 193 -3.69 35.20 21.21
CA VAL A 193 -4.98 34.67 20.77
C VAL A 193 -5.85 35.90 20.48
N LYS A 194 -6.56 35.90 19.35
CA LYS A 194 -7.24 37.09 18.87
C LYS A 194 -8.45 36.67 18.04
N THR A 195 -9.48 37.53 17.94
CA THR A 195 -10.73 37.14 17.27
C THR A 195 -11.25 38.18 16.29
N TYR A 196 -11.96 37.72 15.26
CA TYR A 196 -12.73 38.59 14.39
C TYR A 196 -14.03 37.89 14.03
N GLU A 197 -15.12 38.66 14.04
CA GLU A 197 -16.37 38.25 13.38
C GLU A 197 -16.07 38.25 11.89
N VAL A 198 -16.83 37.49 11.11
CA VAL A 198 -16.70 37.55 9.67
C VAL A 198 -18.05 37.92 9.05
N SER A 199 -18.11 39.15 8.54
CA SER A 199 -19.26 39.63 7.81
C SER A 199 -18.91 39.55 6.35
N LEU A 200 -19.63 38.68 5.66
CA LEU A 200 -19.40 38.41 4.23
C LEU A 200 -20.19 39.36 3.35
N ARG A 201 -21.14 40.06 3.95
CA ARG A 201 -21.96 41.02 3.21
C ARG A 201 -21.21 42.34 2.98
N GLU A 202 -20.03 42.45 3.60
CA GLU A 202 -19.23 43.65 3.47
C GLU A 202 -17.83 43.32 2.92
N LYS A 203 -17.38 42.12 3.25
CA LYS A 203 -16.09 41.59 2.85
C LYS A 203 -14.98 42.15 3.68
N GLU A 204 -15.25 42.30 4.94
CA GLU A 204 -14.29 42.82 5.84
C GLU A 204 -14.38 41.96 7.03
N PHE A 205 -13.63 42.28 8.06
CA PHE A 205 -13.66 41.51 9.26
C PHE A 205 -14.63 42.09 10.26
N ASN A 206 -14.11 42.73 11.29
CA ASN A 206 -14.96 43.31 12.30
C ASN A 206 -14.31 42.94 13.58
N LYS A 207 -14.73 43.49 14.69
CA LYS A 207 -14.08 43.15 15.94
C LYS A 207 -14.59 41.84 16.54
N GLY A 208 -13.69 41.10 17.14
CA GLY A 208 -14.05 39.84 17.74
C GLY A 208 -14.64 40.08 19.10
N PRO A 209 -15.33 39.08 19.62
CA PRO A 209 -15.96 39.21 20.91
C PRO A 209 -15.00 39.34 22.04
N TRP A 210 -13.82 38.79 21.96
CA TRP A 210 -12.94 38.98 23.09
C TRP A 210 -11.59 39.55 22.77
N LYS A 211 -11.10 40.31 23.71
CA LYS A 211 -9.84 41.00 23.57
C LYS A 211 -8.73 40.00 23.34
N GLN A 212 -7.76 40.40 22.54
CA GLN A 212 -6.54 39.64 22.33
C GLN A 212 -5.85 39.35 23.69
N GLU A 213 -5.97 38.12 24.18
CA GLU A 213 -5.18 37.68 25.32
C GLU A 213 -3.80 37.21 24.81
N ASN A 214 -2.92 36.85 25.73
CA ASN A 214 -1.67 36.22 25.34
C ASN A 214 -1.72 34.71 25.48
N VAL A 215 -0.82 34.03 24.76
CA VAL A 215 -0.64 32.59 24.87
C VAL A 215 0.85 32.32 24.90
N GLU A 216 1.24 31.11 25.29
CA GLU A 216 2.65 30.77 25.47
C GLU A 216 3.46 30.65 24.17
N ALA A 217 4.76 30.89 24.32
CA ALA A 217 5.75 30.87 23.27
C ALA A 217 5.57 29.74 22.31
N GLU A 218 5.05 28.61 22.77
CA GLU A 218 4.94 27.42 21.89
C GLU A 218 3.52 26.91 21.71
N ALA A 219 2.54 27.79 21.89
CA ALA A 219 1.16 27.47 21.63
C ALA A 219 0.92 27.09 20.14
N SER A 220 0.25 25.95 19.89
CA SER A 220 0.08 25.49 18.51
C SER A 220 -1.29 24.98 18.09
N MET A 221 -2.14 24.57 19.02
CA MET A 221 -3.41 24.03 18.59
C MET A 221 -4.52 24.89 19.13
N VAL A 222 -5.58 25.06 18.37
CA VAL A 222 -6.71 25.79 18.86
C VAL A 222 -7.85 24.84 18.81
N ILE A 223 -8.51 24.61 19.94
CA ILE A 223 -9.76 23.83 19.92
C ILE A 223 -10.94 24.73 20.25
N ALA A 224 -11.96 24.64 19.43
CA ALA A 224 -13.14 25.44 19.63
C ALA A 224 -14.20 24.56 20.27
N VAL A 225 -14.43 24.79 21.57
CA VAL A 225 -15.33 23.95 22.34
C VAL A 225 -16.80 24.09 21.89
N PRO A 226 -17.51 22.95 21.78
CA PRO A 226 -18.85 23.01 21.17
C PRO A 226 -19.89 23.84 21.95
N GLU A 227 -20.98 24.15 21.23
CA GLU A 227 -22.08 24.99 21.71
C GLU A 227 -22.34 24.97 23.22
N PRO A 228 -22.48 23.77 23.81
CA PRO A 228 -22.79 23.73 25.25
C PRO A 228 -21.84 24.57 26.14
N PHE A 229 -20.53 24.39 25.96
CA PHE A 229 -19.53 25.10 26.75
C PHE A 229 -19.12 26.40 26.07
N GLY A 230 -18.83 26.32 24.76
CA GLY A 230 -18.33 27.43 23.97
C GLY A 230 -16.94 27.78 24.42
N GLY A 231 -16.25 28.61 23.65
CA GLY A 231 -14.88 29.05 24.02
C GLY A 231 -13.78 28.37 23.21
N ALA A 232 -12.56 28.47 23.71
CA ALA A 232 -11.42 27.96 22.95
C ALA A 232 -10.35 27.36 23.83
N ILE A 233 -9.90 26.16 23.47
CA ILE A 233 -8.77 25.63 24.14
C ILE A 233 -7.51 25.89 23.34
N ILE A 234 -6.44 26.31 24.02
CA ILE A 234 -5.15 26.52 23.41
C ILE A 234 -4.08 25.56 23.96
N ILE A 235 -3.47 24.77 23.10
CA ILE A 235 -2.49 23.83 23.61
C ILE A 235 -1.08 24.23 23.27
N GLY A 236 -0.29 24.44 24.31
CA GLY A 236 1.14 24.73 24.19
C GLY A 236 2.01 23.52 24.56
N GLN A 237 3.32 23.75 24.80
CA GLN A 237 4.18 22.77 25.48
C GLN A 237 4.03 22.85 27.00
N GLU A 238 4.04 21.74 27.73
CA GLU A 238 3.89 21.80 29.21
C GLU A 238 2.71 22.60 29.78
N SER A 239 1.80 23.05 28.92
CA SER A 239 0.67 23.89 29.36
C SER A 239 -0.54 23.88 28.43
N ILE A 240 -1.72 23.85 29.04
CA ILE A 240 -3.00 23.88 28.33
C ILE A 240 -3.84 24.98 28.94
N THR A 241 -4.58 25.72 28.09
CA THR A 241 -5.38 26.85 28.60
C THR A 241 -6.74 26.98 27.92
N TYR A 242 -7.65 27.65 28.61
CA TYR A 242 -9.01 27.85 28.13
C TYR A 242 -9.35 29.34 28.15
N HIS A 243 -9.92 29.81 27.06
CA HIS A 243 -10.26 31.19 26.90
C HIS A 243 -11.70 31.27 26.47
N ASN A 244 -12.37 32.29 27.00
CA ASN A 244 -13.71 32.65 26.59
C ASN A 244 -14.03 33.97 27.28
N GLY A 245 -14.31 35.00 26.49
CA GLY A 245 -14.57 36.31 27.05
C GLY A 245 -13.52 36.65 28.09
N ASP A 246 -13.98 36.88 29.31
CA ASP A 246 -13.12 37.20 30.46
C ASP A 246 -12.81 35.95 31.27
N LYS A 247 -13.40 34.83 30.87
CA LYS A 247 -13.12 33.52 31.45
C LYS A 247 -11.73 32.98 31.03
N TYR A 248 -10.92 32.57 32.01
CA TYR A 248 -9.57 32.14 31.72
C TYR A 248 -9.11 30.96 32.60
N LEU A 249 -8.94 29.77 32.05
CA LEU A 249 -8.49 28.63 32.89
C LEU A 249 -7.20 27.98 32.43
N ALA A 250 -6.26 27.77 33.35
CA ALA A 250 -4.97 27.21 32.94
C ALA A 250 -4.38 26.11 33.83
N ILE A 251 -4.07 24.97 33.21
CA ILE A 251 -3.32 23.88 33.86
C ILE A 251 -1.95 23.73 33.22
N ALA A 252 -0.96 23.39 34.02
CA ALA A 252 0.37 23.14 33.47
C ALA A 252 0.96 21.79 33.96
N PRO A 253 0.33 20.65 33.56
CA PRO A 253 0.62 19.36 34.18
C PRO A 253 1.99 18.87 33.76
N PRO A 254 2.88 18.64 34.74
CA PRO A 254 4.23 18.18 34.45
C PRO A 254 4.21 17.18 33.30
N ILE A 255 3.32 16.21 33.42
CA ILE A 255 3.23 15.06 32.54
C ILE A 255 3.37 15.39 31.06
N ILE A 256 2.89 16.56 30.63
CA ILE A 256 2.85 16.83 29.19
C ILE A 256 4.08 17.56 28.68
N LYS A 257 4.96 18.01 29.56
CA LYS A 257 6.22 18.62 29.11
C LYS A 257 7.07 17.67 28.24
N GLN A 258 7.08 16.36 28.59
CA GLN A 258 7.90 15.32 27.91
C GLN A 258 7.92 15.36 26.35
N SER A 259 6.83 15.82 25.76
CA SER A 259 6.63 15.71 24.35
C SER A 259 5.52 16.62 23.94
N THR A 260 5.51 16.97 22.67
CA THR A 260 4.55 17.93 22.13
C THR A 260 3.28 17.22 21.84
N ILE A 261 2.18 17.91 22.10
CA ILE A 261 0.87 17.42 21.66
C ILE A 261 0.69 17.78 20.19
N VAL A 262 0.33 16.80 19.40
CA VAL A 262 0.33 16.92 17.95
C VAL A 262 -1.06 16.94 17.37
N CYS A 263 -2.01 16.23 18.01
CA CYS A 263 -3.38 16.09 17.48
C CYS A 263 -4.42 15.89 18.57
N HIS A 264 -5.68 16.22 18.28
CA HIS A 264 -6.80 16.07 19.20
C HIS A 264 -8.04 15.53 18.53
N ASN A 265 -9.06 15.30 19.33
CA ASN A 265 -10.34 14.82 18.85
C ASN A 265 -11.33 14.98 19.96
N ARG A 266 -12.52 15.49 19.62
CA ARG A 266 -13.66 15.57 20.53
C ARG A 266 -14.23 14.19 20.69
N VAL A 267 -14.38 13.76 21.94
CA VAL A 267 -14.98 12.45 22.23
C VAL A 267 -16.51 12.55 22.42
N ASP A 268 -16.90 13.48 23.28
CA ASP A 268 -18.28 13.70 23.62
C ASP A 268 -18.71 15.00 22.97
N PRO A 269 -19.84 14.97 22.26
CA PRO A 269 -20.44 16.09 21.54
C PRO A 269 -20.51 17.40 22.32
N ASN A 270 -20.63 17.31 23.64
CA ASN A 270 -20.73 18.52 24.43
C ASN A 270 -19.34 19.05 24.60
N GLY A 271 -18.38 18.15 24.44
CA GLY A 271 -16.97 18.52 24.63
C GLY A 271 -16.57 18.51 26.08
N SER A 272 -17.13 17.56 26.83
CA SER A 272 -16.69 17.30 28.19
C SER A 272 -15.28 16.75 28.10
N ARG A 273 -15.02 16.04 27.00
CA ARG A 273 -13.88 15.17 26.84
C ARG A 273 -13.22 15.18 25.46
N TYR A 274 -11.90 15.29 25.45
CA TYR A 274 -11.11 15.20 24.22
C TYR A 274 -9.96 14.21 24.35
N LEU A 275 -9.55 13.66 23.21
CA LEU A 275 -8.32 12.88 23.10
C LEU A 275 -7.14 13.78 22.73
N LEU A 276 -5.95 13.53 23.25
CA LEU A 276 -4.76 14.24 22.79
C LEU A 276 -3.67 13.27 22.32
N GLY A 277 -3.04 13.56 21.18
CA GLY A 277 -1.95 12.74 20.65
C GLY A 277 -0.58 13.33 20.92
N ASP A 278 0.38 12.47 21.24
CA ASP A 278 1.77 12.88 21.57
C ASP A 278 2.79 12.61 20.45
N MET A 279 3.90 13.36 20.42
CA MET A 279 5.06 12.99 19.57
C MET A 279 5.53 11.58 19.96
N GLU A 280 5.33 11.23 21.24
CA GLU A 280 5.72 9.93 21.80
C GLU A 280 4.80 8.76 21.41
N GLY A 281 3.54 9.04 21.08
CA GLY A 281 2.59 7.95 20.94
C GLY A 281 1.69 7.82 22.16
N ARG A 282 1.97 8.61 23.21
CA ARG A 282 1.13 8.70 24.43
C ARG A 282 -0.24 9.23 24.12
N LEU A 283 -1.28 8.69 24.76
CA LEU A 283 -2.65 9.18 24.52
C LEU A 283 -3.12 9.83 25.79
N PHE A 284 -3.71 11.01 25.68
CA PHE A 284 -4.28 11.65 26.88
C PHE A 284 -5.77 11.82 26.75
N MET A 285 -6.45 11.85 27.90
CA MET A 285 -7.80 12.38 27.98
C MET A 285 -7.74 13.77 28.58
N LEU A 286 -8.30 14.72 27.83
CA LEU A 286 -8.54 16.08 28.32
C LEU A 286 -9.98 16.09 28.81
N LEU A 287 -10.13 16.49 30.08
CA LEU A 287 -11.45 16.53 30.71
C LEU A 287 -11.73 17.92 31.21
N LEU A 288 -12.93 18.38 30.92
CA LEU A 288 -13.36 19.67 31.35
C LEU A 288 -14.43 19.44 32.38
N GLU A 289 -14.15 19.75 33.63
CA GLU A 289 -15.16 19.64 34.67
C GLU A 289 -16.19 20.75 34.49
N LYS A 290 -17.40 20.38 34.02
CA LYS A 290 -18.57 21.29 33.91
C LYS A 290 -19.01 21.83 35.28
N GLU A 291 -20.17 22.48 35.29
CA GLU A 291 -20.72 23.06 36.52
C GLU A 291 -22.09 23.65 36.23
N GLU A 292 -23.10 23.14 36.92
CA GLU A 292 -24.48 23.62 36.74
C GLU A 292 -24.94 24.56 37.84
N GLN A 293 -25.55 25.67 37.44
CA GLN A 293 -26.12 26.63 38.38
C GLN A 293 -27.50 27.08 37.91
N MET A 294 -28.54 26.58 38.57
CA MET A 294 -29.91 26.91 38.22
C MET A 294 -30.02 28.28 37.58
N ASP A 295 -30.99 28.44 36.68
CA ASP A 295 -31.18 29.71 35.99
C ASP A 295 -29.85 30.25 35.45
N GLY A 296 -29.07 29.33 34.92
CA GLY A 296 -27.78 29.66 34.36
C GLY A 296 -27.25 28.42 33.69
N THR A 297 -27.45 28.34 32.38
CA THR A 297 -27.00 27.22 31.58
C THR A 297 -25.94 26.41 32.32
N VAL A 298 -24.67 26.59 31.96
CA VAL A 298 -23.56 25.91 32.61
C VAL A 298 -22.28 26.72 32.52
N THR A 299 -21.23 26.25 33.18
CA THR A 299 -19.95 26.94 33.18
C THR A 299 -18.80 25.95 33.01
N LEU A 300 -17.62 26.33 33.49
CA LEU A 300 -16.43 25.48 33.39
C LEU A 300 -15.58 25.66 34.64
N LYS A 301 -15.66 24.70 35.56
CA LYS A 301 -14.96 24.84 36.81
C LYS A 301 -13.50 24.51 36.63
N ASP A 302 -13.20 23.39 35.97
CA ASP A 302 -11.81 22.97 35.85
C ASP A 302 -11.58 22.08 34.65
N LEU A 303 -10.31 21.88 34.29
CA LEU A 303 -9.90 20.89 33.28
C LEU A 303 -8.66 20.09 33.72
N ARG A 304 -8.61 18.80 33.37
CA ARG A 304 -7.41 17.99 33.69
C ARG A 304 -7.06 16.98 32.63
N VAL A 305 -5.78 16.62 32.64
CA VAL A 305 -5.21 15.65 31.72
C VAL A 305 -4.97 14.32 32.43
N GLU A 306 -5.40 13.22 31.82
CA GLU A 306 -5.06 11.90 32.30
C GLU A 306 -4.35 11.06 31.26
N LEU A 307 -3.22 10.46 31.63
CA LEU A 307 -2.55 9.54 30.72
C LEU A 307 -3.39 8.32 30.55
N LEU A 308 -3.68 7.98 29.31
CA LEU A 308 -4.48 6.83 29.04
C LEU A 308 -3.67 5.66 28.57
N GLY A 309 -2.47 5.91 28.03
CA GLY A 309 -1.73 4.82 27.39
C GLY A 309 -0.88 5.19 26.18
N GLU A 310 -0.76 4.26 25.26
CA GLU A 310 0.21 4.42 24.21
C GLU A 310 -0.31 3.87 22.91
N THR A 311 -0.23 4.67 21.86
CA THR A 311 -0.61 4.26 20.53
C THR A 311 0.61 4.36 19.61
N SER A 312 0.41 4.08 18.32
CA SER A 312 1.35 4.47 17.29
C SER A 312 1.46 5.95 17.37
N ILE A 313 2.58 6.50 16.92
CA ILE A 313 2.64 7.95 16.71
C ILE A 313 1.45 8.35 15.84
N ALA A 314 0.67 9.26 16.39
CA ALA A 314 -0.62 9.65 15.83
C ALA A 314 -0.53 10.99 15.11
N GLU A 315 -0.88 10.96 13.82
CA GLU A 315 -1.20 12.20 13.11
C GLU A 315 -2.61 12.55 13.38
N CYS A 316 -3.46 11.54 13.25
CA CYS A 316 -4.90 11.63 13.20
C CYS A 316 -5.45 10.73 14.35
N LEU A 317 -6.41 11.30 15.08
CA LEU A 317 -7.19 10.63 16.12
C LEU A 317 -8.69 10.84 15.89
N THR A 318 -9.48 9.79 16.11
CA THR A 318 -10.93 9.84 15.94
C THR A 318 -11.67 8.82 16.78
N TYR A 319 -12.35 9.32 17.83
CA TYR A 319 -13.23 8.52 18.64
C TYR A 319 -14.32 7.98 17.71
N LEU A 320 -14.71 6.72 17.90
CA LEU A 320 -15.77 6.18 17.06
C LEU A 320 -16.98 5.88 17.91
N ASP A 321 -17.37 4.61 17.93
CA ASP A 321 -18.43 4.17 18.80
C ASP A 321 -17.93 4.14 20.25
N ASN A 322 -18.10 3.01 20.90
CA ASN A 322 -17.97 2.91 22.33
C ASN A 322 -16.58 2.43 22.72
N GLY A 323 -15.76 3.39 23.16
CA GLY A 323 -14.38 3.16 23.54
C GLY A 323 -13.39 2.90 22.41
N VAL A 324 -13.89 2.80 21.17
CA VAL A 324 -13.01 2.57 20.02
C VAL A 324 -12.43 3.88 19.54
N VAL A 325 -11.19 3.82 19.06
CA VAL A 325 -10.53 5.00 18.54
C VAL A 325 -9.74 4.56 17.33
N PHE A 326 -9.90 5.29 16.23
CA PHE A 326 -9.05 5.05 15.08
C PHE A 326 -7.81 5.89 15.23
N VAL A 327 -6.66 5.26 15.05
CA VAL A 327 -5.39 5.95 15.16
C VAL A 327 -4.71 6.14 13.78
N GLY A 328 -4.84 7.34 13.22
CA GLY A 328 -4.18 7.63 11.97
C GLY A 328 -2.70 7.87 12.20
N SER A 329 -1.87 7.07 11.55
CA SER A 329 -0.45 7.16 11.73
C SER A 329 0.31 7.39 10.43
N ARG A 330 1.36 8.16 10.55
CA ARG A 330 2.11 8.56 9.39
C ARG A 330 3.54 7.99 9.54
N LEU A 331 4.09 8.04 10.75
CA LEU A 331 5.39 7.49 11.07
C LEU A 331 5.34 6.00 11.32
N GLY A 332 4.11 5.46 11.54
CA GLY A 332 3.94 4.06 11.95
C GLY A 332 2.69 3.40 11.39
N ASP A 333 2.44 2.15 11.77
CA ASP A 333 1.24 1.43 11.39
C ASP A 333 -0.01 2.12 12.00
N SER A 334 -1.08 2.21 11.20
CA SER A 334 -2.29 2.78 11.76
C SER A 334 -2.97 1.70 12.57
N GLN A 335 -3.95 2.10 13.37
CA GLN A 335 -4.55 1.10 14.21
C GLN A 335 -5.93 1.44 14.72
N LEU A 336 -6.71 0.39 14.94
CA LEU A 336 -7.99 0.48 15.63
C LEU A 336 -7.76 0.09 17.06
N VAL A 337 -8.14 0.97 17.99
CA VAL A 337 -7.75 0.84 19.42
C VAL A 337 -8.95 0.97 20.38
N LYS A 338 -8.85 0.39 21.57
CA LYS A 338 -9.97 0.31 22.51
C LYS A 338 -9.66 1.00 23.83
N LEU A 339 -10.59 1.84 24.30
CA LEU A 339 -10.51 2.44 25.65
C LEU A 339 -11.45 1.77 26.67
N ASN A 340 -10.90 1.46 27.83
CA ASN A 340 -11.65 0.83 28.87
C ASN A 340 -11.58 1.66 30.11
N VAL A 341 -12.57 1.44 30.98
CA VAL A 341 -12.74 2.19 32.21
C VAL A 341 -11.69 1.74 33.20
N ASP A 342 -11.26 0.48 33.05
CA ASP A 342 -10.23 -0.09 33.91
C ASP A 342 -8.92 -0.32 33.17
N SER A 343 -7.81 0.09 33.78
CA SER A 343 -6.48 -0.19 33.23
C SER A 343 -6.09 -1.66 33.40
N ASN A 344 -5.18 -2.12 32.54
CA ASN A 344 -4.58 -3.44 32.75
C ASN A 344 -3.37 -3.34 33.66
N GLU A 345 -2.51 -4.35 33.60
CA GLU A 345 -1.27 -4.34 34.37
C GLU A 345 -0.03 -3.56 34.80
N GLN A 346 0.34 -2.56 34.01
CA GLN A 346 1.55 -1.78 34.30
C GLN A 346 0.77 -0.48 34.34
N GLY A 347 -0.44 -0.50 33.78
CA GLY A 347 -1.31 0.66 33.81
C GLY A 347 -1.59 1.26 32.45
N SER A 348 -2.50 0.65 31.70
CA SER A 348 -2.90 1.18 30.44
C SER A 348 -4.41 0.94 30.24
N TYR A 349 -5.14 2.04 30.00
CA TYR A 349 -6.56 1.99 29.65
C TYR A 349 -6.74 1.76 28.15
N VAL A 350 -5.63 1.70 27.41
CA VAL A 350 -5.66 1.54 25.94
C VAL A 350 -5.30 0.12 25.58
N VAL A 351 -6.12 -0.52 24.75
CA VAL A 351 -5.75 -1.84 24.28
C VAL A 351 -5.92 -1.91 22.76
N ALA A 352 -4.86 -2.15 22.01
CA ALA A 352 -4.99 -2.30 20.55
C ALA A 352 -5.96 -3.43 20.17
N MET A 353 -6.79 -3.17 19.15
CA MET A 353 -7.64 -4.19 18.54
C MET A 353 -7.11 -4.60 17.17
N GLU A 354 -6.74 -3.63 16.35
CA GLU A 354 -6.30 -3.96 15.00
C GLU A 354 -5.22 -3.00 14.57
N THR A 355 -4.34 -3.54 13.76
CA THR A 355 -3.17 -2.86 13.27
C THR A 355 -3.21 -2.85 11.74
N PHE A 356 -3.06 -1.69 11.15
CA PHE A 356 -3.00 -1.66 9.69
C PHE A 356 -1.62 -1.23 9.28
N THR A 357 -1.07 -1.96 8.31
CA THR A 357 0.33 -1.88 7.90
C THR A 357 0.54 -0.60 7.13
N ASN A 358 1.44 0.23 7.63
CA ASN A 358 1.94 1.47 6.99
C ASN A 358 3.38 1.20 6.57
N LEU A 359 3.65 1.04 5.27
CA LEU A 359 5.07 0.98 4.78
C LEU A 359 5.76 2.31 5.07
N GLY A 360 4.99 3.23 5.64
CA GLY A 360 5.47 4.31 6.52
C GLY A 360 6.29 5.19 5.67
N PRO A 361 7.13 6.03 6.29
CA PRO A 361 8.21 6.57 5.45
C PRO A 361 9.18 5.45 5.05
N ILE A 362 9.19 5.08 3.79
CA ILE A 362 10.28 4.33 3.26
C ILE A 362 11.49 5.27 3.15
N VAL A 363 12.44 5.13 4.06
CA VAL A 363 13.53 6.09 4.20
C VAL A 363 14.66 5.71 3.27
N ASP A 364 14.77 4.42 3.00
CA ASP A 364 15.76 3.82 2.12
C ASP A 364 15.25 2.39 1.80
N MET A 365 15.73 1.74 0.75
CA MET A 365 15.25 0.41 0.52
C MET A 365 16.22 -0.35 -0.39
N CYS A 366 16.00 -1.64 -0.63
CA CYS A 366 16.90 -2.35 -1.55
C CYS A 366 16.27 -3.63 -2.00
N VAL A 367 16.64 -4.12 -3.19
CA VAL A 367 16.06 -5.36 -3.73
C VAL A 367 16.99 -6.56 -3.54
N VAL A 368 16.40 -7.71 -3.24
CA VAL A 368 17.11 -8.91 -2.89
C VAL A 368 16.19 -10.08 -3.18
N ASP A 369 16.67 -11.09 -3.89
CA ASP A 369 15.94 -12.35 -3.95
C ASP A 369 16.63 -13.26 -2.99
N LEU A 370 15.94 -13.47 -1.91
CA LEU A 370 16.47 -13.82 -0.61
C LEU A 370 16.30 -15.29 -0.96
N GLU A 371 15.08 -15.68 -1.31
CA GLU A 371 14.78 -17.05 -1.78
C GLU A 371 15.63 -17.46 -3.00
N ARG A 372 16.43 -16.53 -3.51
CA ARG A 372 17.37 -16.78 -4.61
C ARG A 372 16.73 -17.51 -5.79
N GLN A 373 15.65 -16.93 -6.30
CA GLN A 373 14.89 -17.51 -7.39
C GLN A 373 15.13 -16.74 -8.68
N GLY A 374 14.39 -15.66 -8.87
CA GLY A 374 14.54 -14.73 -9.96
C GLY A 374 13.52 -13.60 -9.78
N GLN A 375 12.93 -13.57 -8.59
CA GLN A 375 12.10 -12.46 -8.20
C GLN A 375 12.83 -11.67 -7.13
N GLY A 376 12.60 -10.37 -7.13
CA GLY A 376 13.08 -9.55 -6.04
C GLY A 376 12.02 -9.55 -4.97
N GLN A 377 12.48 -9.62 -3.74
CA GLN A 377 11.74 -9.15 -2.59
C GLN A 377 12.32 -7.76 -2.50
N LEU A 378 11.66 -6.89 -1.75
CA LEU A 378 12.14 -5.57 -1.54
C LEU A 378 12.16 -5.35 -0.04
N VAL A 379 13.16 -4.61 0.43
CA VAL A 379 13.43 -4.52 1.86
C VAL A 379 13.66 -3.06 2.27
N THR A 380 12.69 -2.50 3.01
CA THR A 380 12.64 -1.06 3.24
C THR A 380 13.05 -0.69 4.64
N CYS A 381 13.78 0.37 4.81
CA CYS A 381 13.88 0.97 6.12
C CYS A 381 12.61 1.77 6.28
N SER A 382 11.82 1.49 7.33
CA SER A 382 10.52 2.15 7.47
C SER A 382 10.23 2.71 8.84
N GLY A 383 9.33 3.70 8.85
CA GLY A 383 8.80 4.21 10.08
C GLY A 383 9.87 5.08 10.65
N ALA A 384 9.70 5.48 11.90
CA ALA A 384 10.70 6.32 12.54
C ALA A 384 10.49 6.18 14.03
N PHE A 385 11.52 6.52 14.82
CA PHE A 385 11.53 6.17 16.23
C PHE A 385 10.93 4.80 16.57
N LYS A 386 10.14 4.71 17.65
CA LYS A 386 9.58 3.42 18.08
C LYS A 386 8.92 2.59 16.97
N GLU A 387 8.49 3.25 15.83
CA GLU A 387 7.84 2.54 14.76
C GLU A 387 8.76 2.05 13.70
N GLY A 388 10.08 2.36 13.82
CA GLY A 388 11.10 1.87 12.80
C GLY A 388 10.95 0.41 12.55
N SER A 389 11.15 -0.08 11.33
CA SER A 389 10.95 -1.46 10.99
C SER A 389 11.67 -1.67 9.66
N LEU A 390 11.83 -2.96 9.29
CA LEU A 390 12.22 -3.29 7.98
C LEU A 390 10.87 -3.90 7.55
N ARG A 391 10.53 -3.75 6.26
CA ARG A 391 9.40 -4.43 5.72
C ARG A 391 9.96 -5.20 4.55
N ILE A 392 9.67 -6.51 4.55
CA ILE A 392 10.08 -7.36 3.46
C ILE A 392 8.86 -7.51 2.58
N ILE A 393 9.01 -7.16 1.30
CA ILE A 393 7.88 -7.05 0.41
C ILE A 393 8.07 -7.94 -0.80
N ARG A 394 7.07 -8.79 -1.00
CA ARG A 394 7.19 -9.89 -1.96
C ARG A 394 5.88 -10.00 -2.71
N ASN A 395 5.98 -9.89 -4.02
CA ASN A 395 4.84 -10.09 -4.88
C ASN A 395 4.39 -11.55 -4.84
N GLY A 396 3.08 -11.76 -4.80
CA GLY A 396 2.56 -13.07 -5.12
C GLY A 396 2.20 -13.89 -3.92
N ILE A 397 1.63 -15.04 -4.20
CA ILE A 397 1.27 -15.93 -3.13
C ILE A 397 2.09 -17.19 -3.33
N GLY A 398 2.79 -17.57 -2.30
CA GLY A 398 3.63 -18.76 -2.39
C GLY A 398 3.02 -19.93 -1.65
N ILE A 399 3.59 -21.11 -1.89
CA ILE A 399 3.23 -22.33 -1.18
C ILE A 399 4.52 -23.05 -0.79
N HIS A 400 4.50 -23.77 0.34
CA HIS A 400 5.68 -24.55 0.78
C HIS A 400 5.60 -26.06 0.42
N GLU A 401 6.53 -26.53 -0.43
CA GLU A 401 6.53 -27.92 -0.99
C GLU A 401 7.06 -29.07 -0.09
N HIS A 402 6.22 -30.08 0.12
CA HIS A 402 6.48 -31.12 1.12
C HIS A 402 6.94 -32.46 0.52
N ALA A 403 6.34 -32.89 -0.59
CA ALA A 403 6.82 -34.05 -1.34
C ALA A 403 6.97 -33.72 -2.83
N SER A 404 7.64 -34.60 -3.57
CA SER A 404 7.86 -34.36 -4.97
C SER A 404 7.83 -35.67 -5.79
N ILE A 405 6.63 -36.14 -6.08
CA ILE A 405 6.46 -37.41 -6.78
C ILE A 405 6.29 -37.18 -8.28
N ASP A 406 7.28 -37.64 -9.05
CA ASP A 406 7.29 -37.49 -10.51
C ASP A 406 6.21 -38.29 -11.22
N LEU A 407 5.18 -37.60 -11.70
CA LEU A 407 4.07 -38.25 -12.40
C LEU A 407 3.64 -37.47 -13.65
N PRO A 408 4.40 -37.61 -14.77
CA PRO A 408 4.07 -36.95 -16.05
C PRO A 408 2.77 -37.46 -16.67
N GLY A 409 1.65 -37.13 -16.05
CA GLY A 409 0.35 -37.57 -16.53
C GLY A 409 -0.82 -36.94 -15.80
N ILE A 410 -0.85 -37.10 -14.48
CA ILE A 410 -2.02 -36.74 -13.64
C ILE A 410 -2.98 -35.75 -14.32
N LYS A 411 -4.20 -36.23 -14.57
CA LYS A 411 -5.22 -35.49 -15.33
C LYS A 411 -6.41 -35.13 -14.46
N GLY A 412 -6.23 -35.30 -13.16
CA GLY A 412 -7.27 -34.94 -12.19
C GLY A 412 -6.74 -35.50 -10.89
N LEU A 413 -7.42 -35.17 -9.79
CA LEU A 413 -7.18 -35.79 -8.48
C LEU A 413 -8.14 -35.26 -7.44
N TRP A 414 -8.65 -36.17 -6.62
CA TRP A 414 -9.60 -35.87 -5.53
C TRP A 414 -9.08 -36.47 -4.23
N PRO A 415 -9.42 -35.82 -3.08
CA PRO A 415 -9.10 -36.25 -1.70
C PRO A 415 -9.58 -37.68 -1.40
N LEU A 416 -9.13 -38.29 -0.29
CA LEU A 416 -9.74 -39.57 0.14
C LEU A 416 -9.45 -40.02 1.57
N ARG A 417 -10.41 -39.77 2.45
CA ARG A 417 -10.40 -40.27 3.82
C ARG A 417 -10.75 -41.76 3.80
N SER A 418 -9.77 -42.59 4.15
CA SER A 418 -10.00 -44.03 4.16
C SER A 418 -10.70 -44.51 5.45
N ASP A 419 -10.77 -43.63 6.45
CA ASP A 419 -11.48 -43.91 7.69
C ASP A 419 -12.67 -42.95 7.84
N PRO A 420 -13.89 -43.50 7.96
CA PRO A 420 -15.16 -42.75 7.99
C PRO A 420 -15.36 -41.85 9.22
N ASN A 421 -14.30 -41.66 10.00
CA ASN A 421 -14.32 -40.81 11.19
C ASN A 421 -13.53 -39.54 10.94
N ARG A 422 -12.21 -39.67 11.08
CA ARG A 422 -11.25 -38.59 10.88
C ARG A 422 -11.51 -37.76 9.63
N GLU A 423 -11.45 -36.44 9.78
CA GLU A 423 -11.52 -35.50 8.65
C GLU A 423 -10.19 -35.41 7.90
N THR A 424 -9.29 -36.33 8.26
CA THR A 424 -8.04 -36.56 7.53
C THR A 424 -8.23 -37.69 6.50
N TYR A 425 -7.55 -37.55 5.38
CA TYR A 425 -7.63 -38.47 4.24
C TYR A 425 -6.29 -39.18 4.10
N ASP A 426 -6.28 -40.44 3.66
CA ASP A 426 -5.00 -41.12 3.43
C ASP A 426 -4.79 -41.59 1.99
N THR A 427 -5.67 -41.17 1.07
CA THR A 427 -5.59 -41.55 -0.34
C THR A 427 -5.80 -40.38 -1.31
N LEU A 428 -5.11 -40.44 -2.44
CA LEU A 428 -5.39 -39.50 -3.52
C LEU A 428 -5.54 -40.21 -4.87
N VAL A 429 -6.74 -40.72 -5.12
CA VAL A 429 -7.04 -41.35 -6.40
C VAL A 429 -7.05 -40.24 -7.45
N LEU A 430 -6.36 -40.52 -8.54
CA LEU A 430 -5.97 -39.51 -9.51
C LEU A 430 -6.17 -39.96 -10.95
N SER A 431 -6.96 -39.18 -11.70
CA SER A 431 -7.06 -39.42 -13.13
C SER A 431 -5.67 -39.45 -13.75
N PHE A 432 -5.49 -40.27 -14.78
CA PHE A 432 -4.18 -40.40 -15.44
C PHE A 432 -4.37 -40.48 -16.96
N VAL A 433 -3.26 -40.65 -17.69
CA VAL A 433 -3.26 -40.75 -19.16
C VAL A 433 -4.05 -41.99 -19.64
N GLY A 434 -5.37 -41.98 -19.42
CA GLY A 434 -6.22 -43.12 -19.73
C GLY A 434 -6.06 -44.26 -18.74
N GLN A 435 -5.89 -43.92 -17.46
CA GLN A 435 -5.71 -44.88 -16.37
C GLN A 435 -6.27 -44.31 -15.08
N THR A 436 -6.03 -45.02 -13.97
CA THR A 436 -6.20 -44.48 -12.63
C THR A 436 -5.26 -45.24 -11.69
N ARG A 437 -4.44 -44.49 -10.98
CA ARG A 437 -3.68 -45.03 -9.84
C ARG A 437 -4.29 -44.58 -8.51
N VAL A 438 -4.28 -45.49 -7.54
CA VAL A 438 -4.74 -45.20 -6.19
C VAL A 438 -3.48 -44.83 -5.39
N LEU A 439 -3.66 -44.15 -4.26
CA LEU A 439 -2.53 -43.81 -3.40
C LEU A 439 -2.81 -43.85 -1.91
N MET A 440 -2.65 -45.02 -1.30
CA MET A 440 -2.73 -45.15 0.16
C MET A 440 -1.49 -44.50 0.76
N LEU A 441 -1.67 -43.79 1.87
CA LEU A 441 -0.53 -43.19 2.57
C LEU A 441 -0.39 -43.73 3.98
N ASN A 442 0.85 -43.98 4.37
CA ASN A 442 1.18 -44.47 5.70
C ASN A 442 1.31 -43.29 6.68
N GLY A 443 0.51 -42.25 6.44
CA GLY A 443 0.66 -40.97 7.15
C GLY A 443 1.33 -39.91 6.28
N GLU A 444 2.67 -39.98 6.23
CA GLU A 444 3.49 -39.09 5.38
C GLU A 444 4.06 -39.83 4.16
N GLU A 445 4.20 -41.15 4.28
CA GLU A 445 4.68 -42.03 3.21
C GLU A 445 3.68 -42.20 2.06
N VAL A 446 4.19 -42.67 0.92
CA VAL A 446 3.40 -42.86 -0.31
C VAL A 446 3.39 -44.31 -0.80
N GLU A 447 2.22 -44.76 -1.25
CA GLU A 447 2.04 -46.14 -1.70
C GLU A 447 0.90 -46.30 -2.69
N GLU A 448 1.20 -46.92 -3.83
CA GLU A 448 0.19 -47.24 -4.83
C GLU A 448 -0.25 -48.70 -4.74
N THR A 449 -1.51 -48.89 -4.35
CA THR A 449 -2.11 -50.22 -4.24
C THR A 449 -3.44 -50.25 -4.97
N GLU A 450 -4.13 -51.38 -4.84
CA GLU A 450 -5.48 -51.56 -5.36
C GLU A 450 -6.47 -50.78 -4.50
N LEU A 451 -7.74 -50.80 -4.91
CA LEU A 451 -8.85 -50.41 -4.05
C LEU A 451 -10.15 -50.93 -4.68
N MET A 452 -10.99 -51.50 -3.82
CA MET A 452 -12.21 -52.19 -4.24
C MET A 452 -13.12 -51.31 -5.09
N GLY A 453 -13.70 -51.91 -6.13
CA GLY A 453 -14.64 -51.23 -7.03
C GLY A 453 -14.10 -49.97 -7.69
N PHE A 454 -12.78 -49.88 -7.80
CA PHE A 454 -12.11 -48.72 -8.39
C PHE A 454 -11.18 -49.20 -9.49
N VAL A 455 -11.60 -49.08 -10.74
CA VAL A 455 -10.82 -49.61 -11.88
C VAL A 455 -9.48 -48.91 -12.07
N ASP A 456 -8.43 -49.73 -12.24
CA ASP A 456 -7.07 -49.26 -12.53
C ASP A 456 -6.81 -49.20 -14.04
N ASP A 457 -7.58 -49.98 -14.80
CA ASP A 457 -7.47 -49.99 -16.26
C ASP A 457 -8.15 -48.77 -16.87
N GLN A 458 -9.16 -48.25 -16.17
CA GLN A 458 -9.98 -47.17 -16.69
C GLN A 458 -9.58 -45.80 -16.18
N GLN A 459 -10.03 -44.75 -16.87
CA GLN A 459 -9.63 -43.38 -16.56
C GLN A 459 -10.65 -42.63 -15.70
N THR A 460 -10.47 -42.68 -14.38
CA THR A 460 -11.31 -41.94 -13.42
C THR A 460 -11.46 -40.46 -13.79
N PHE A 461 -12.70 -39.96 -13.73
CA PHE A 461 -13.05 -38.56 -14.01
C PHE A 461 -13.67 -37.91 -12.79
N PHE A 462 -13.53 -38.56 -11.64
CA PHE A 462 -14.12 -38.09 -10.40
C PHE A 462 -13.99 -39.13 -9.30
N CYS A 463 -14.20 -38.68 -8.05
CA CYS A 463 -13.74 -39.40 -6.87
C CYS A 463 -14.20 -38.77 -5.56
N GLY A 464 -15.14 -37.82 -5.62
CA GLY A 464 -15.64 -37.04 -4.46
C GLY A 464 -15.84 -37.76 -3.13
N ASN A 465 -16.55 -37.14 -2.19
CA ASN A 465 -16.82 -37.76 -0.88
C ASN A 465 -18.31 -38.05 -0.63
N VAL A 466 -18.84 -39.06 -1.32
CA VAL A 466 -20.27 -39.42 -1.31
C VAL A 466 -20.72 -40.03 0.02
N ALA A 467 -21.73 -39.40 0.64
CA ALA A 467 -22.21 -39.80 1.95
C ALA A 467 -22.89 -41.19 1.96
N HIS A 468 -23.24 -41.66 3.17
CA HIS A 468 -23.88 -42.98 3.36
C HIS A 468 -22.85 -44.13 3.41
N GLN A 469 -21.67 -43.80 3.95
CA GLN A 469 -20.53 -44.72 4.03
C GLN A 469 -20.15 -45.30 2.66
N GLN A 470 -19.91 -44.44 1.66
CA GLN A 470 -19.54 -44.91 0.31
C GLN A 470 -18.40 -44.09 -0.37
N LEU A 471 -17.66 -44.75 -1.27
CA LEU A 471 -16.61 -44.10 -2.08
C LEU A 471 -16.91 -44.29 -3.58
N ILE A 472 -17.07 -43.20 -4.32
CA ILE A 472 -17.32 -43.25 -5.77
C ILE A 472 -16.04 -43.13 -6.61
N GLN A 473 -16.09 -43.71 -7.82
CA GLN A 473 -15.05 -43.51 -8.83
C GLN A 473 -15.69 -43.48 -10.22
N ILE A 474 -16.22 -42.32 -10.66
CA ILE A 474 -16.75 -42.20 -12.02
C ILE A 474 -15.62 -42.29 -13.04
N THR A 475 -15.83 -43.13 -14.05
CA THR A 475 -14.74 -43.48 -14.94
C THR A 475 -15.09 -43.10 -16.41
N SER A 476 -14.21 -43.43 -17.36
CA SER A 476 -14.47 -43.23 -18.78
C SER A 476 -15.87 -43.72 -18.99
N ALA A 477 -16.06 -45.00 -18.70
CA ALA A 477 -17.37 -45.62 -18.70
C ALA A 477 -18.37 -44.92 -17.76
N SER A 478 -18.58 -45.50 -16.58
CA SER A 478 -19.71 -45.09 -15.76
C SER A 478 -19.51 -45.21 -14.26
N VAL A 479 -20.31 -44.42 -13.54
CA VAL A 479 -20.22 -44.24 -12.09
C VAL A 479 -20.24 -45.57 -11.30
N ARG A 480 -19.04 -46.04 -10.90
CA ARG A 480 -18.87 -47.22 -10.03
C ARG A 480 -19.36 -46.93 -8.62
N LEU A 481 -19.34 -47.94 -7.74
CA LEU A 481 -19.73 -47.75 -6.32
C LEU A 481 -19.01 -48.72 -5.40
N VAL A 482 -18.59 -48.20 -4.25
CA VAL A 482 -17.81 -48.91 -3.24
C VAL A 482 -18.29 -48.44 -1.87
N SER A 483 -18.24 -49.32 -0.88
CA SER A 483 -18.70 -48.95 0.46
C SER A 483 -17.58 -48.80 1.47
N GLN A 484 -17.95 -48.28 2.64
CA GLN A 484 -17.07 -48.27 3.79
C GLN A 484 -17.29 -49.59 4.51
N GLU A 485 -18.55 -49.95 4.69
CA GLU A 485 -18.93 -51.24 5.26
C GLU A 485 -18.56 -52.39 4.30
N PRO A 486 -19.35 -52.62 3.23
CA PRO A 486 -18.97 -53.63 2.22
C PRO A 486 -17.60 -53.42 1.58
N LYS A 487 -17.30 -52.22 1.11
CA LYS A 487 -16.01 -51.95 0.48
C LYS A 487 -15.75 -52.95 -0.64
N ALA A 488 -16.50 -52.82 -1.73
CA ALA A 488 -16.36 -53.72 -2.88
C ALA A 488 -17.05 -53.14 -4.11
N LEU A 489 -17.97 -53.92 -4.68
CA LEU A 489 -18.74 -53.54 -5.86
C LEU A 489 -20.21 -53.42 -5.44
N VAL A 490 -20.51 -52.35 -4.69
CA VAL A 490 -21.84 -52.13 -4.08
C VAL A 490 -22.93 -51.89 -5.11
N SER A 491 -22.66 -50.97 -6.04
CA SER A 491 -23.46 -50.79 -7.24
C SER A 491 -22.51 -50.34 -8.36
N GLU A 492 -23.07 -49.86 -9.46
CA GLU A 492 -22.32 -49.45 -10.62
C GLU A 492 -23.26 -49.18 -11.79
N TRP A 493 -23.39 -47.91 -12.14
CA TRP A 493 -24.21 -47.46 -13.26
C TRP A 493 -23.53 -47.84 -14.60
N LYS A 494 -24.29 -47.74 -15.69
CA LYS A 494 -23.78 -47.96 -17.06
C LYS A 494 -24.77 -47.42 -18.10
N GLU A 495 -24.26 -46.67 -19.08
CA GLU A 495 -25.10 -45.97 -20.05
C GLU A 495 -25.93 -46.93 -20.91
N PRO A 496 -27.27 -46.72 -20.93
CA PRO A 496 -28.27 -47.58 -21.58
C PRO A 496 -27.95 -47.90 -23.03
N GLN A 497 -26.70 -47.72 -23.44
CA GLN A 497 -26.33 -47.93 -24.83
C GLN A 497 -24.87 -48.33 -25.06
N ALA A 498 -24.10 -48.40 -23.98
CA ALA A 498 -22.63 -48.57 -24.04
C ALA A 498 -21.91 -47.37 -24.67
N LYS A 499 -22.32 -46.17 -24.24
CA LYS A 499 -21.66 -44.90 -24.57
C LYS A 499 -21.12 -44.26 -23.28
N ASN A 500 -19.98 -43.56 -23.39
CA ASN A 500 -19.27 -43.06 -22.21
C ASN A 500 -19.96 -41.91 -21.46
N ILE A 501 -19.40 -41.57 -20.31
CA ILE A 501 -19.67 -40.28 -19.69
C ILE A 501 -18.58 -39.34 -20.17
N SER A 502 -19.00 -38.22 -20.75
CA SER A 502 -18.08 -37.20 -21.22
C SER A 502 -17.64 -36.28 -20.05
N VAL A 503 -18.61 -35.72 -19.33
CA VAL A 503 -18.36 -34.72 -18.31
C VAL A 503 -18.96 -35.21 -17.00
N ALA A 504 -18.12 -35.31 -15.98
CA ALA A 504 -18.51 -35.80 -14.65
C ALA A 504 -18.98 -34.72 -13.66
N SER A 505 -19.76 -35.12 -12.65
CA SER A 505 -20.10 -34.27 -11.50
C SER A 505 -20.54 -35.06 -10.27
N CYS A 506 -20.58 -34.37 -9.12
CA CYS A 506 -20.95 -34.93 -7.81
C CYS A 506 -20.46 -34.02 -6.68
N ASN A 507 -21.27 -33.87 -5.64
CA ASN A 507 -20.85 -33.04 -4.52
C ASN A 507 -20.47 -33.86 -3.26
N SER A 508 -21.46 -34.52 -2.65
CA SER A 508 -21.27 -35.46 -1.54
C SER A 508 -22.62 -36.16 -1.40
N SER A 509 -23.48 -35.93 -2.41
CA SER A 509 -24.89 -36.34 -2.43
C SER A 509 -25.50 -36.50 -3.84
N GLN A 510 -25.18 -35.60 -4.77
CA GLN A 510 -25.66 -35.70 -6.18
C GLN A 510 -24.64 -36.30 -7.14
N VAL A 511 -25.13 -36.69 -8.33
CA VAL A 511 -24.32 -37.11 -9.48
C VAL A 511 -25.03 -36.61 -10.76
N VAL A 512 -24.34 -35.77 -11.53
CA VAL A 512 -24.87 -35.25 -12.82
C VAL A 512 -23.85 -35.31 -13.94
N VAL A 513 -23.75 -36.47 -14.56
CA VAL A 513 -22.86 -36.68 -15.71
C VAL A 513 -23.48 -36.11 -16.99
N ALA A 514 -22.79 -36.31 -18.11
CA ALA A 514 -23.34 -35.98 -19.41
C ALA A 514 -22.78 -37.00 -20.39
N VAL A 515 -23.55 -37.30 -21.43
CA VAL A 515 -23.09 -38.24 -22.46
C VAL A 515 -22.64 -37.52 -23.73
N GLY A 516 -23.19 -36.37 -24.00
CA GLY A 516 -22.84 -35.74 -25.23
C GLY A 516 -23.68 -34.53 -25.17
N ARG A 517 -24.89 -34.64 -25.66
CA ARG A 517 -25.74 -33.50 -25.57
C ARG A 517 -26.61 -33.83 -24.42
N ALA A 518 -26.40 -35.03 -23.92
CA ALA A 518 -27.31 -35.64 -22.97
C ALA A 518 -27.05 -35.26 -21.55
N LEU A 519 -28.10 -35.30 -20.76
CA LEU A 519 -27.96 -34.91 -19.36
C LEU A 519 -28.82 -35.80 -18.45
N TYR A 520 -28.20 -36.86 -17.93
CA TYR A 520 -28.83 -37.74 -16.96
C TYR A 520 -28.92 -37.12 -15.53
N TYR A 521 -28.93 -37.99 -14.53
CA TYR A 521 -28.98 -37.64 -13.10
C TYR A 521 -29.06 -38.94 -12.30
N LEU A 522 -28.09 -39.16 -11.41
CA LEU A 522 -28.08 -40.36 -10.55
C LEU A 522 -27.87 -40.00 -9.07
N GLN A 523 -28.14 -40.95 -8.17
CA GLN A 523 -28.07 -40.71 -6.72
C GLN A 523 -27.32 -41.84 -6.03
N ILE A 524 -26.47 -41.51 -5.06
CA ILE A 524 -25.78 -42.52 -4.24
C ILE A 524 -26.65 -42.87 -3.01
N HIS A 525 -27.88 -43.28 -3.27
CA HIS A 525 -28.83 -43.60 -2.21
C HIS A 525 -28.40 -44.81 -1.40
N PRO A 526 -28.94 -44.97 -0.17
CA PRO A 526 -28.26 -45.89 0.75
C PRO A 526 -27.87 -47.25 0.11
N GLN A 527 -26.63 -47.30 -0.37
CA GLN A 527 -25.99 -48.50 -0.93
C GLN A 527 -26.29 -48.86 -2.39
N GLU A 528 -26.91 -47.94 -3.12
CA GLU A 528 -27.22 -48.14 -4.54
C GLU A 528 -27.46 -46.83 -5.30
N LEU A 529 -26.99 -46.78 -6.54
CA LEU A 529 -27.19 -45.59 -7.39
C LEU A 529 -28.50 -45.63 -8.19
N ARG A 530 -29.45 -44.78 -7.83
CA ARG A 530 -30.76 -44.76 -8.51
C ARG A 530 -30.85 -43.61 -9.51
N GLN A 531 -31.43 -43.88 -10.68
CA GLN A 531 -31.55 -42.89 -11.78
C GLN A 531 -32.77 -41.96 -11.62
N ILE A 532 -32.72 -40.78 -12.25
CA ILE A 532 -33.87 -39.85 -12.28
C ILE A 532 -34.17 -39.26 -13.67
N SER A 533 -33.42 -38.24 -14.10
CA SER A 533 -33.82 -37.44 -15.28
C SER A 533 -32.99 -37.69 -16.57
N HIS A 534 -33.37 -37.01 -17.66
CA HIS A 534 -32.64 -37.03 -18.94
C HIS A 534 -33.12 -35.91 -19.87
N THR A 535 -32.16 -35.13 -20.37
CA THR A 535 -32.46 -34.03 -21.29
C THR A 535 -31.31 -33.90 -22.26
N GLU A 536 -31.63 -33.34 -23.42
CA GLU A 536 -30.73 -33.28 -24.55
C GLU A 536 -30.52 -31.79 -24.80
N MET A 537 -29.33 -31.40 -25.23
CA MET A 537 -29.02 -29.97 -25.37
C MET A 537 -28.69 -29.68 -26.80
N GLU A 538 -28.95 -28.44 -27.21
CA GLU A 538 -28.61 -27.97 -28.53
C GLU A 538 -27.32 -28.64 -29.03
N HIS A 539 -26.28 -28.58 -28.18
CA HIS A 539 -24.91 -28.94 -28.55
C HIS A 539 -24.24 -29.81 -27.49
N GLU A 540 -22.99 -30.17 -27.76
CA GLU A 540 -22.20 -31.01 -26.86
C GLU A 540 -21.90 -30.31 -25.55
N VAL A 541 -22.23 -30.96 -24.44
CA VAL A 541 -21.92 -30.41 -23.13
C VAL A 541 -20.39 -30.26 -23.01
N ALA A 542 -19.92 -29.03 -22.78
CA ALA A 542 -18.50 -28.76 -22.45
C ALA A 542 -18.08 -29.02 -21.00
N CYS A 543 -18.83 -28.48 -20.04
CA CYS A 543 -18.45 -28.56 -18.61
C CYS A 543 -19.65 -28.38 -17.71
N LEU A 544 -19.54 -28.89 -16.49
CA LEU A 544 -20.67 -28.91 -15.56
C LEU A 544 -20.29 -28.57 -14.13
N ASP A 545 -21.19 -27.89 -13.41
CA ASP A 545 -20.98 -27.62 -12.00
C ASP A 545 -22.22 -27.72 -11.13
N ILE A 546 -22.05 -28.43 -10.01
CA ILE A 546 -23.05 -28.53 -8.95
C ILE A 546 -22.44 -28.68 -7.56
N THR A 547 -22.80 -27.77 -6.68
CA THR A 547 -22.53 -27.88 -5.25
C THR A 547 -23.69 -27.23 -4.48
N PRO A 548 -24.31 -28.01 -3.57
CA PRO A 548 -25.40 -27.53 -2.72
C PRO A 548 -24.93 -26.33 -1.92
N LEU A 549 -25.34 -25.14 -2.38
CA LEU A 549 -24.70 -23.89 -1.96
C LEU A 549 -24.80 -23.51 -0.46
N GLY A 550 -25.96 -23.05 -0.01
CA GLY A 550 -26.11 -22.61 1.38
C GLY A 550 -27.28 -23.22 2.11
N ASP A 551 -28.48 -22.94 1.61
CA ASP A 551 -29.72 -23.40 2.23
C ASP A 551 -30.12 -24.79 1.73
N SER A 552 -29.13 -25.66 1.55
CA SER A 552 -29.36 -27.01 1.03
C SER A 552 -28.31 -28.02 1.51
N ASN A 553 -28.72 -28.91 2.40
CA ASN A 553 -27.85 -29.94 2.93
C ASN A 553 -27.63 -31.06 1.91
N GLY A 554 -26.58 -30.95 1.11
CA GLY A 554 -26.20 -32.01 0.16
C GLY A 554 -26.95 -32.00 -1.16
N LEU A 555 -28.27 -31.88 -1.10
CA LEU A 555 -29.11 -31.81 -2.30
C LEU A 555 -28.98 -30.41 -2.89
N SER A 556 -28.82 -30.31 -4.21
CA SER A 556 -28.44 -29.05 -4.87
C SER A 556 -29.52 -28.40 -5.76
N PRO A 557 -29.83 -27.10 -5.51
CA PRO A 557 -30.69 -26.20 -6.33
C PRO A 557 -30.29 -26.05 -7.82
N LEU A 558 -30.33 -24.82 -8.35
CA LEU A 558 -30.20 -24.57 -9.81
C LEU A 558 -28.84 -24.93 -10.45
N CYS A 559 -28.75 -24.78 -11.77
CA CYS A 559 -27.54 -25.21 -12.53
C CYS A 559 -27.06 -24.35 -13.74
N ALA A 560 -25.82 -24.65 -14.16
CA ALA A 560 -25.10 -23.92 -15.19
C ALA A 560 -24.15 -24.86 -15.96
N ILE A 561 -23.86 -24.48 -17.20
CA ILE A 561 -23.23 -25.35 -18.18
C ILE A 561 -22.58 -24.55 -19.32
N GLY A 562 -21.46 -25.05 -19.83
CA GLY A 562 -20.93 -24.50 -21.08
C GLY A 562 -21.04 -25.57 -22.15
N LEU A 563 -21.40 -25.20 -23.38
CA LEU A 563 -21.53 -26.17 -24.48
C LEU A 563 -20.53 -25.89 -25.58
N TRP A 564 -20.40 -26.81 -26.53
CA TRP A 564 -19.61 -26.59 -27.75
C TRP A 564 -19.36 -26.23 -29.22
N THR A 565 -20.37 -25.64 -29.85
CA THR A 565 -20.29 -25.01 -31.19
C THR A 565 -20.77 -23.56 -31.08
N ASP A 566 -21.70 -23.39 -30.14
CA ASP A 566 -22.20 -22.12 -29.66
C ASP A 566 -21.64 -22.07 -28.25
N ILE A 567 -20.60 -21.27 -28.11
CA ILE A 567 -19.56 -21.46 -27.09
C ILE A 567 -20.43 -20.63 -26.16
N SER A 568 -21.13 -21.31 -25.28
CA SER A 568 -22.05 -20.60 -24.44
C SER A 568 -22.06 -21.09 -23.02
N ALA A 569 -22.52 -20.22 -22.12
CA ALA A 569 -22.86 -20.63 -20.77
C ALA A 569 -24.29 -20.19 -20.42
N ARG A 570 -25.01 -21.09 -19.76
CA ARG A 570 -26.45 -20.90 -19.55
C ARG A 570 -26.94 -21.37 -18.19
N ILE A 571 -28.06 -20.79 -17.74
CA ILE A 571 -28.61 -21.01 -16.40
C ILE A 571 -29.81 -21.98 -16.43
N LEU A 572 -29.81 -22.98 -15.55
CA LEU A 572 -30.81 -24.07 -15.60
C LEU A 572 -31.25 -24.55 -14.20
N LYS A 573 -32.22 -25.47 -14.12
CA LYS A 573 -32.66 -26.08 -12.85
C LYS A 573 -32.15 -27.53 -12.68
N LEU A 574 -32.84 -28.36 -11.89
CA LEU A 574 -32.31 -29.68 -11.50
C LEU A 574 -32.87 -30.95 -12.22
N PRO A 575 -33.99 -31.54 -11.75
CA PRO A 575 -34.43 -32.72 -12.50
C PRO A 575 -35.08 -32.33 -13.84
N SER A 576 -35.68 -31.15 -13.88
CA SER A 576 -36.36 -30.61 -15.05
C SER A 576 -35.40 -30.19 -16.17
N PHE A 577 -34.29 -29.55 -15.78
CA PHE A 577 -33.30 -28.96 -16.70
C PHE A 577 -33.85 -27.72 -17.44
N GLU A 578 -34.92 -27.15 -16.92
CA GLU A 578 -35.55 -25.98 -17.55
C GLU A 578 -34.55 -24.82 -17.68
N LEU A 579 -34.31 -24.40 -18.92
CA LEU A 579 -33.36 -23.34 -19.24
C LEU A 579 -33.90 -21.95 -18.88
N LEU A 580 -33.06 -21.15 -18.23
CA LEU A 580 -33.42 -19.78 -17.84
C LEU A 580 -32.76 -18.77 -18.78
N HIS A 581 -32.06 -17.80 -18.19
CA HIS A 581 -31.22 -16.84 -18.91
C HIS A 581 -29.93 -17.52 -19.39
N LYS A 582 -29.19 -16.85 -20.28
CA LYS A 582 -27.93 -17.38 -20.76
C LYS A 582 -26.95 -16.29 -21.24
N GLU A 583 -25.88 -16.73 -21.90
CA GLU A 583 -24.87 -15.81 -22.43
C GLU A 583 -24.16 -16.44 -23.60
N MET A 584 -23.82 -15.63 -24.59
CA MET A 584 -23.12 -16.09 -25.78
C MET A 584 -21.70 -15.53 -25.80
N LEU A 585 -20.73 -16.32 -25.32
CA LEU A 585 -19.30 -15.89 -25.34
C LEU A 585 -18.71 -16.07 -26.73
N GLY A 586 -17.67 -15.30 -27.05
CA GLY A 586 -17.24 -15.17 -28.44
C GLY A 586 -16.37 -16.28 -28.99
N GLY A 587 -15.59 -15.96 -30.02
CA GLY A 587 -14.50 -16.80 -30.52
C GLY A 587 -14.82 -18.24 -30.89
N GLU A 588 -13.78 -19.05 -31.11
CA GLU A 588 -13.95 -20.43 -31.56
C GLU A 588 -13.46 -21.45 -30.51
N ILE A 589 -13.34 -21.01 -29.27
CA ILE A 589 -12.76 -21.83 -28.20
C ILE A 589 -13.75 -22.14 -27.06
N ILE A 590 -13.94 -23.43 -26.79
CA ILE A 590 -15.05 -23.86 -25.94
C ILE A 590 -14.77 -23.66 -24.45
N PRO A 591 -15.82 -23.44 -23.65
CA PRO A 591 -15.59 -23.28 -22.23
C PRO A 591 -14.98 -24.57 -21.62
N ARG A 592 -13.76 -24.45 -21.12
CA ARG A 592 -13.08 -25.55 -20.46
C ARG A 592 -13.60 -25.80 -19.02
N SER A 593 -14.14 -24.78 -18.37
CA SER A 593 -14.54 -24.93 -16.97
C SER A 593 -15.58 -23.87 -16.53
N ILE A 594 -16.51 -24.30 -15.68
CA ILE A 594 -17.63 -23.47 -15.21
C ILE A 594 -17.66 -23.60 -13.68
N LEU A 595 -18.03 -22.54 -12.95
CA LEU A 595 -18.11 -22.68 -11.49
C LEU A 595 -19.20 -21.87 -10.78
N MET A 596 -19.86 -22.53 -9.82
CA MET A 596 -20.78 -21.92 -8.84
C MET A 596 -20.17 -21.94 -7.42
N THR A 597 -20.11 -20.76 -6.79
CA THR A 597 -19.48 -20.62 -5.46
C THR A 597 -20.25 -19.77 -4.46
N THR A 598 -19.58 -19.48 -3.33
CA THR A 598 -20.09 -18.60 -2.27
C THR A 598 -18.92 -18.17 -1.37
N PHE A 599 -19.03 -17.00 -0.75
CA PHE A 599 -17.99 -16.50 0.15
C PHE A 599 -18.56 -15.88 1.43
N GLU A 600 -19.40 -14.86 1.26
CA GLU A 600 -20.10 -14.25 2.39
C GLU A 600 -21.57 -14.05 2.03
N SER A 601 -21.82 -13.18 1.05
CA SER A 601 -23.18 -12.76 0.69
C SER A 601 -23.44 -12.63 -0.81
N SER A 602 -22.95 -13.60 -1.59
CA SER A 602 -23.28 -13.71 -3.02
C SER A 602 -22.92 -15.10 -3.54
N HIS A 603 -23.75 -15.61 -4.43
CA HIS A 603 -23.47 -16.88 -5.10
C HIS A 603 -22.86 -16.57 -6.47
N TYR A 604 -21.66 -17.12 -6.71
CA TYR A 604 -20.83 -16.74 -7.86
C TYR A 604 -20.77 -17.76 -9.02
N LEU A 605 -20.73 -17.23 -10.25
CA LEU A 605 -20.54 -18.01 -11.48
C LEU A 605 -19.40 -17.50 -12.37
N LEU A 606 -18.39 -18.35 -12.56
CA LEU A 606 -17.29 -18.01 -13.45
C LEU A 606 -17.12 -19.08 -14.52
N CYS A 607 -16.47 -18.71 -15.61
CA CYS A 607 -16.31 -19.62 -16.73
C CYS A 607 -14.97 -19.47 -17.49
N ALA A 608 -14.11 -20.48 -17.33
CA ALA A 608 -12.80 -20.48 -17.99
C ALA A 608 -12.87 -21.02 -19.40
N LEU A 609 -12.17 -20.35 -20.31
CA LEU A 609 -11.99 -20.84 -21.68
C LEU A 609 -10.59 -21.33 -21.99
N GLY A 610 -10.45 -21.98 -23.12
CA GLY A 610 -9.21 -22.64 -23.46
C GLY A 610 -8.05 -21.73 -23.84
N ASP A 611 -8.32 -20.43 -23.97
CA ASP A 611 -7.30 -19.45 -24.37
C ASP A 611 -6.61 -18.82 -23.14
N GLY A 612 -7.05 -19.23 -21.96
CA GLY A 612 -6.49 -18.72 -20.71
C GLY A 612 -7.36 -17.63 -20.11
N ALA A 613 -8.26 -17.11 -20.93
CA ALA A 613 -9.11 -16.01 -20.50
C ALA A 613 -10.27 -16.53 -19.67
N LEU A 614 -10.86 -15.64 -18.88
CA LEU A 614 -11.99 -16.00 -18.04
C LEU A 614 -13.01 -14.88 -18.03
N PHE A 615 -14.27 -15.27 -18.22
CA PHE A 615 -15.41 -14.37 -18.07
C PHE A 615 -15.97 -14.60 -16.68
N TYR A 616 -16.45 -13.53 -16.04
CA TYR A 616 -16.93 -13.63 -14.66
C TYR A 616 -18.27 -12.97 -14.39
N PHE A 617 -19.10 -13.68 -13.63
CA PHE A 617 -20.50 -13.33 -13.38
C PHE A 617 -20.96 -13.82 -11.98
N GLY A 618 -22.13 -13.34 -11.54
CA GLY A 618 -22.76 -13.80 -10.31
C GLY A 618 -24.16 -14.37 -10.56
N LEU A 619 -24.50 -15.40 -9.80
CA LEU A 619 -25.77 -16.09 -9.97
C LEU A 619 -26.74 -15.75 -8.82
N ASN A 620 -27.86 -16.47 -8.78
CA ASN A 620 -28.90 -16.24 -7.79
C ASN A 620 -29.49 -17.56 -7.34
N ILE A 621 -29.28 -17.93 -6.08
CA ILE A 621 -29.89 -19.14 -5.50
C ILE A 621 -31.42 -19.09 -5.63
N GLU A 622 -31.98 -17.89 -5.55
CA GLU A 622 -33.42 -17.70 -5.65
C GLU A 622 -33.86 -17.65 -7.11
N THR A 623 -33.23 -16.75 -7.87
CA THR A 623 -33.53 -16.59 -9.29
C THR A 623 -32.36 -17.04 -10.15
N GLY A 624 -31.32 -16.22 -10.20
CA GLY A 624 -30.14 -16.52 -10.98
C GLY A 624 -30.31 -16.17 -12.45
N LEU A 625 -29.57 -15.18 -12.91
CA LEU A 625 -29.63 -14.75 -14.31
C LEU A 625 -28.29 -14.20 -14.79
N LEU A 626 -28.29 -12.97 -15.27
CA LEU A 626 -27.08 -12.34 -15.76
C LEU A 626 -26.47 -11.41 -14.71
N SER A 627 -25.19 -11.12 -14.85
CA SER A 627 -24.48 -10.25 -13.93
C SER A 627 -23.46 -9.38 -14.64
N ASP A 628 -22.22 -9.41 -14.15
CA ASP A 628 -21.14 -8.62 -14.75
C ASP A 628 -20.47 -9.39 -15.88
N ARG A 629 -19.92 -8.66 -16.85
CA ARG A 629 -19.25 -9.27 -17.99
C ARG A 629 -17.88 -8.68 -18.27
N LYS A 630 -16.84 -9.32 -17.77
CA LYS A 630 -15.47 -8.87 -18.01
C LYS A 630 -14.55 -10.04 -18.43
N LYS A 631 -13.32 -9.76 -18.85
CA LYS A 631 -12.52 -10.77 -19.55
C LYS A 631 -11.01 -10.65 -19.26
N VAL A 632 -10.44 -11.70 -18.66
CA VAL A 632 -9.03 -11.65 -18.22
C VAL A 632 -8.06 -12.39 -19.16
N THR A 633 -6.95 -12.88 -18.61
CA THR A 633 -5.97 -13.54 -19.45
C THR A 633 -5.09 -14.55 -18.70
N LEU A 634 -5.46 -14.87 -17.45
CA LEU A 634 -4.73 -15.83 -16.59
C LEU A 634 -3.72 -16.65 -17.37
N GLY A 635 -3.93 -17.96 -17.54
CA GLY A 635 -3.02 -18.72 -18.39
C GLY A 635 -3.08 -18.27 -19.85
N THR A 636 -2.29 -18.92 -20.69
CA THR A 636 -2.65 -18.96 -22.12
C THR A 636 -3.27 -20.31 -22.35
N GLN A 637 -2.96 -21.23 -21.43
CA GLN A 637 -3.57 -22.55 -21.32
C GLN A 637 -4.95 -22.49 -20.69
N PRO A 638 -5.79 -23.48 -21.01
CA PRO A 638 -7.08 -23.63 -20.37
C PRO A 638 -6.92 -23.67 -18.88
N THR A 639 -7.93 -23.19 -18.20
CA THR A 639 -7.89 -22.98 -16.79
C THR A 639 -8.88 -23.88 -16.10
N VAL A 640 -8.40 -24.61 -15.09
CA VAL A 640 -9.27 -25.43 -14.25
C VAL A 640 -9.56 -24.67 -12.98
N LEU A 641 -10.84 -24.42 -12.70
CA LEU A 641 -11.23 -23.75 -11.47
C LEU A 641 -11.55 -24.76 -10.37
N ARG A 642 -11.23 -24.41 -9.12
CA ARG A 642 -11.46 -25.29 -7.95
C ARG A 642 -11.55 -24.42 -6.68
N THR A 643 -12.03 -25.01 -5.59
CA THR A 643 -12.16 -24.28 -4.32
C THR A 643 -11.46 -24.99 -3.16
N PHE A 644 -10.79 -24.18 -2.33
CA PHE A 644 -9.82 -24.66 -1.35
C PHE A 644 -10.14 -24.28 0.10
N ARG A 645 -9.67 -25.09 1.05
CA ARG A 645 -9.79 -24.81 2.49
C ARG A 645 -8.69 -23.86 2.98
N SER A 646 -9.11 -22.81 3.69
CA SER A 646 -8.21 -21.76 4.17
C SER A 646 -8.68 -21.20 5.52
N LEU A 647 -8.96 -19.89 5.58
CA LEU A 647 -9.53 -19.27 6.78
C LEU A 647 -11.07 -19.36 6.78
N SER A 648 -11.75 -18.39 7.39
CA SER A 648 -13.21 -18.34 7.41
C SER A 648 -13.84 -18.25 6.01
N THR A 649 -13.14 -17.54 5.13
CA THR A 649 -13.59 -17.36 3.76
C THR A 649 -12.72 -18.19 2.81
N THR A 650 -13.14 -19.43 2.56
CA THR A 650 -12.41 -20.35 1.66
C THR A 650 -12.67 -19.93 0.22
N ASN A 651 -11.71 -20.15 -0.69
CA ASN A 651 -11.71 -19.43 -1.99
C ASN A 651 -11.55 -20.24 -3.28
N VAL A 652 -11.40 -19.53 -4.41
CA VAL A 652 -11.24 -20.13 -5.75
C VAL A 652 -9.81 -20.15 -6.31
N PHE A 653 -9.30 -21.36 -6.57
CA PHE A 653 -7.97 -21.54 -7.15
C PHE A 653 -8.05 -21.84 -8.65
N ALA A 654 -7.32 -21.07 -9.45
CA ALA A 654 -7.38 -21.24 -10.89
C ALA A 654 -6.09 -21.90 -11.38
N CYS A 655 -6.21 -23.04 -12.06
CA CYS A 655 -5.04 -23.78 -12.53
C CYS A 655 -4.75 -23.37 -13.94
N SER A 656 -3.52 -22.94 -14.20
CA SER A 656 -3.07 -22.46 -15.51
C SER A 656 -1.55 -22.54 -15.56
N ASP A 657 -1.00 -22.11 -16.69
CA ASP A 657 0.43 -21.86 -16.81
C ASP A 657 0.75 -20.67 -15.94
N ARG A 658 -0.26 -19.85 -15.64
CA ARG A 658 -0.12 -18.79 -14.65
C ARG A 658 -1.09 -19.08 -13.48
N PRO A 659 -0.70 -19.98 -12.55
CA PRO A 659 -1.60 -20.34 -11.45
C PRO A 659 -2.05 -19.08 -10.76
N THR A 660 -3.34 -19.02 -10.43
CA THR A 660 -3.89 -17.82 -9.84
C THR A 660 -4.86 -18.17 -8.73
N VAL A 661 -4.83 -17.36 -7.68
CA VAL A 661 -5.89 -17.40 -6.70
C VAL A 661 -6.88 -16.30 -6.95
N ILE A 662 -8.15 -16.66 -6.73
CA ILE A 662 -9.25 -15.72 -6.63
C ILE A 662 -9.87 -15.77 -5.22
N TYR A 663 -9.48 -14.78 -4.40
CA TYR A 663 -9.90 -14.61 -3.00
C TYR A 663 -11.14 -13.70 -2.95
N SER A 664 -11.07 -12.64 -2.13
CA SER A 664 -12.15 -11.66 -1.98
C SER A 664 -11.69 -10.27 -1.52
N SER A 665 -12.17 -9.21 -2.18
CA SER A 665 -11.90 -7.82 -1.75
C SER A 665 -12.94 -7.37 -0.71
N ASN A 666 -13.64 -6.25 -0.99
CA ASN A 666 -14.67 -5.72 -0.09
C ASN A 666 -15.79 -6.73 0.18
N HIS A 667 -16.43 -7.14 -0.91
CA HIS A 667 -17.34 -8.28 -0.99
C HIS A 667 -17.05 -8.83 -2.38
N LYS A 668 -16.05 -8.20 -3.03
CA LYS A 668 -15.48 -8.58 -4.33
C LYS A 668 -14.62 -9.85 -4.25
N LEU A 669 -13.54 -9.92 -5.04
CA LEU A 669 -12.72 -11.14 -5.22
C LEU A 669 -11.31 -10.87 -5.73
N VAL A 670 -10.27 -11.39 -5.06
CA VAL A 670 -8.85 -11.06 -5.41
C VAL A 670 -8.33 -11.84 -6.63
N PHE A 671 -7.32 -11.29 -7.30
CA PHE A 671 -6.75 -11.85 -8.53
C PHE A 671 -5.22 -11.88 -8.58
N SER A 672 -4.60 -12.51 -7.58
CA SER A 672 -3.14 -12.47 -7.40
C SER A 672 -2.47 -13.71 -7.95
N ASN A 673 -1.21 -13.58 -8.37
CA ASN A 673 -0.48 -14.75 -8.82
C ASN A 673 -0.13 -15.70 -7.67
N VAL A 674 0.04 -16.96 -8.06
CA VAL A 674 0.62 -17.93 -7.18
C VAL A 674 2.03 -18.21 -7.67
N ASN A 675 3.01 -18.09 -6.77
CA ASN A 675 4.41 -18.21 -7.13
C ASN A 675 4.78 -19.66 -7.45
N LEU A 676 4.38 -20.12 -8.62
CA LEU A 676 4.54 -21.52 -8.99
C LEU A 676 4.65 -21.68 -10.48
N LYS A 677 5.56 -22.56 -10.86
CA LYS A 677 5.90 -22.92 -12.23
C LYS A 677 4.62 -23.01 -13.12
N GLU A 678 3.76 -23.98 -12.83
CA GLU A 678 2.56 -24.28 -13.59
C GLU A 678 1.78 -25.25 -12.72
N VAL A 679 0.49 -25.03 -12.53
CA VAL A 679 -0.33 -25.99 -11.83
C VAL A 679 -1.42 -26.49 -12.78
N ASN A 680 -1.51 -27.81 -12.93
CA ASN A 680 -2.43 -28.45 -13.88
C ASN A 680 -3.79 -28.77 -13.28
N TYR A 681 -3.80 -29.39 -12.10
CA TYR A 681 -5.01 -29.64 -11.29
C TYR A 681 -4.63 -29.46 -9.84
N MET A 682 -5.62 -29.22 -8.97
CA MET A 682 -5.34 -28.81 -7.59
C MET A 682 -6.54 -29.05 -6.67
N CYS A 683 -6.28 -29.61 -5.48
CA CYS A 683 -7.34 -29.90 -4.47
C CYS A 683 -6.87 -29.78 -3.02
N PRO A 684 -7.79 -29.42 -2.10
CA PRO A 684 -7.58 -29.50 -0.64
C PRO A 684 -7.24 -30.92 -0.16
N LEU A 685 -6.60 -31.00 1.01
CA LEU A 685 -6.16 -32.27 1.64
C LEU A 685 -6.01 -32.07 3.17
N ASN A 686 -5.53 -33.11 3.90
CA ASN A 686 -5.52 -33.07 5.37
C ASN A 686 -4.86 -34.25 6.15
N SER A 687 -4.22 -35.18 5.44
CA SER A 687 -3.72 -36.45 6.05
C SER A 687 -3.02 -36.33 7.42
N ASP A 688 -3.05 -37.42 8.20
CA ASP A 688 -2.28 -37.47 9.45
C ASP A 688 -0.81 -37.67 9.12
N GLY A 689 -0.20 -36.58 8.68
CA GLY A 689 1.10 -36.59 8.04
C GLY A 689 1.22 -35.46 7.00
N TYR A 690 0.10 -34.72 6.78
CA TYR A 690 0.01 -33.59 5.84
C TYR A 690 -1.15 -32.56 6.06
N PRO A 691 -1.50 -32.18 7.32
CA PRO A 691 -2.75 -31.43 7.55
C PRO A 691 -2.83 -30.03 6.92
N ASP A 692 -4.02 -29.42 6.92
CA ASP A 692 -4.35 -28.19 6.14
C ASP A 692 -3.49 -28.00 4.84
N SER A 693 -3.20 -29.11 4.19
CA SER A 693 -2.36 -29.15 2.99
C SER A 693 -3.20 -29.02 1.72
N LEU A 694 -2.58 -28.51 0.66
CA LEU A 694 -3.22 -28.42 -0.66
C LEU A 694 -2.38 -29.26 -1.60
N ALA A 695 -3.04 -29.93 -2.53
CA ALA A 695 -2.37 -30.83 -3.46
C ALA A 695 -2.45 -30.21 -4.82
N LEU A 696 -1.42 -30.44 -5.63
CA LEU A 696 -1.24 -29.68 -6.86
C LEU A 696 -0.26 -30.40 -7.80
N ALA A 697 -0.76 -30.90 -8.92
CA ALA A 697 0.09 -31.59 -9.88
C ALA A 697 0.31 -30.71 -11.08
N ASN A 698 1.52 -30.75 -11.63
CA ASN A 698 1.84 -30.02 -12.85
C ASN A 698 2.19 -30.99 -13.96
N ASN A 699 2.88 -30.49 -14.99
CA ASN A 699 3.31 -31.29 -16.14
C ASN A 699 3.79 -32.65 -15.68
N SER A 700 4.51 -32.67 -14.56
CA SER A 700 4.98 -33.90 -13.90
C SER A 700 5.46 -33.65 -12.47
N THR A 701 4.59 -33.89 -11.48
CA THR A 701 4.96 -33.86 -10.05
C THR A 701 3.77 -33.58 -9.13
N LEU A 702 3.52 -34.45 -8.16
CA LEU A 702 2.59 -34.08 -7.10
C LEU A 702 3.31 -33.19 -6.08
N THR A 703 2.54 -32.33 -5.42
CA THR A 703 3.01 -31.39 -4.41
C THR A 703 1.86 -31.02 -3.47
N ILE A 704 2.19 -30.68 -2.23
CA ILE A 704 1.24 -30.44 -1.14
C ILE A 704 1.83 -29.40 -0.18
N GLY A 705 1.00 -28.50 0.37
CA GLY A 705 1.51 -27.44 1.25
C GLY A 705 0.54 -26.32 1.62
N THR A 706 0.89 -25.46 2.59
CA THR A 706 -0.07 -24.40 2.93
C THR A 706 0.07 -23.18 2.00
N ILE A 707 -0.72 -22.14 2.25
CA ILE A 707 -0.68 -20.93 1.44
C ILE A 707 -0.24 -19.73 2.26
N ASP A 708 0.18 -18.67 1.57
CA ASP A 708 0.63 -17.45 2.25
C ASP A 708 -0.54 -16.59 2.70
N GLU A 709 -0.49 -15.31 2.36
CA GLU A 709 -1.55 -14.37 2.73
C GLU A 709 -2.66 -14.37 1.69
N ILE A 710 -2.72 -13.32 0.90
CA ILE A 710 -3.67 -13.32 -0.15
C ILE A 710 -3.36 -12.24 -1.11
N GLN A 711 -3.11 -11.08 -0.60
CA GLN A 711 -3.00 -9.96 -1.46
C GLN A 711 -2.04 -10.21 -2.56
N LYS A 712 -1.89 -9.21 -3.39
CA LYS A 712 -0.93 -9.26 -4.45
C LYS A 712 0.45 -9.10 -3.86
N LEU A 713 0.55 -8.35 -2.77
CA LEU A 713 1.81 -8.18 -2.08
C LEU A 713 1.79 -8.73 -0.69
N HIS A 714 2.80 -9.50 -0.36
CA HIS A 714 2.93 -9.99 0.97
C HIS A 714 4.02 -9.15 1.64
N ILE A 715 3.74 -8.73 2.87
CA ILE A 715 4.65 -7.92 3.64
C ILE A 715 4.96 -8.60 4.94
N ARG A 716 6.24 -8.76 5.23
CA ARG A 716 6.74 -9.25 6.53
C ARG A 716 7.63 -8.25 7.30
N THR A 717 7.02 -7.56 8.26
CA THR A 717 7.68 -6.64 9.25
C THR A 717 8.61 -7.02 10.41
N VAL A 718 9.78 -6.38 10.43
CA VAL A 718 10.79 -6.63 11.42
C VAL A 718 10.80 -5.39 12.29
N PRO A 719 10.06 -5.40 13.38
CA PRO A 719 10.06 -4.26 14.32
C PRO A 719 11.44 -3.91 14.83
N LEU A 720 11.96 -2.73 14.53
CA LEU A 720 13.27 -2.32 15.05
C LEU A 720 13.17 -1.47 16.30
N TYR A 721 12.00 -0.90 16.57
CA TYR A 721 11.78 -0.05 17.79
C TYR A 721 12.69 1.23 17.74
N GLU A 722 13.47 1.46 16.69
CA GLU A 722 14.17 2.76 16.52
C GLU A 722 14.15 3.10 15.02
N SER A 723 14.76 4.22 14.63
CA SER A 723 14.57 4.66 13.25
C SER A 723 15.59 4.22 12.20
N PRO A 724 15.26 3.23 11.37
CA PRO A 724 16.27 2.75 10.47
C PRO A 724 16.64 3.85 9.46
N ARG A 725 17.88 3.91 8.99
CA ARG A 725 18.19 4.99 8.05
C ARG A 725 18.64 4.59 6.66
N LYS A 726 19.55 3.63 6.58
CA LYS A 726 20.03 3.14 5.29
C LYS A 726 20.11 1.64 5.37
N ILE A 727 20.13 0.98 4.22
CA ILE A 727 20.15 -0.45 4.24
C ILE A 727 20.92 -1.04 3.06
N CYS A 728 21.81 -2.00 3.36
CA CYS A 728 22.63 -2.79 2.37
C CYS A 728 22.59 -4.33 2.51
N TYR A 729 22.68 -5.00 1.36
CA TYR A 729 22.82 -6.43 1.34
C TYR A 729 24.25 -6.98 0.96
N GLN A 730 24.96 -7.51 1.97
CA GLN A 730 26.20 -8.25 1.78
C GLN A 730 25.93 -9.76 1.60
N GLU A 731 25.75 -10.17 0.35
CA GLU A 731 25.44 -11.56 0.04
C GLU A 731 26.43 -12.57 0.61
N VAL A 732 27.74 -12.42 0.34
CA VAL A 732 28.70 -13.41 0.88
C VAL A 732 28.42 -13.71 2.34
N SER A 733 28.02 -12.68 3.07
CA SER A 733 27.83 -12.77 4.51
C SER A 733 26.38 -13.13 4.86
N GLN A 734 25.55 -13.33 3.85
CA GLN A 734 24.13 -13.66 4.03
C GLN A 734 23.40 -12.76 5.05
N CYS A 735 23.75 -11.48 5.08
CA CYS A 735 23.10 -10.54 5.98
C CYS A 735 22.91 -9.09 5.43
N PHE A 736 22.22 -8.27 6.23
CA PHE A 736 21.99 -6.90 5.83
C PHE A 736 22.75 -5.97 6.77
N GLY A 737 23.27 -4.84 6.26
CA GLY A 737 23.74 -3.77 7.14
C GLY A 737 22.67 -2.69 7.21
N VAL A 738 22.42 -2.12 8.38
CA VAL A 738 21.37 -1.12 8.52
C VAL A 738 21.85 -0.05 9.46
N LEU A 739 21.80 1.21 9.00
CA LEU A 739 22.22 2.28 9.84
C LEU A 739 20.98 2.62 10.62
N SER A 740 21.10 2.89 11.91
CA SER A 740 19.94 3.06 12.76
C SER A 740 20.14 4.19 13.72
N SER A 741 19.06 4.77 14.21
CA SER A 741 19.26 5.89 15.10
C SER A 741 18.29 5.81 16.26
N ARG A 742 18.80 5.97 17.48
CA ARG A 742 17.95 5.94 18.62
C ARG A 742 18.08 7.26 19.34
N ILE A 743 17.02 7.68 20.02
CA ILE A 743 16.98 8.90 20.74
C ILE A 743 17.29 8.58 22.18
N GLU A 744 17.87 9.55 22.89
CA GLU A 744 18.28 9.36 24.29
C GLU A 744 18.17 10.68 25.01
N VAL A 745 18.03 10.64 26.32
CA VAL A 745 17.86 11.90 27.07
C VAL A 745 19.00 12.18 28.04
N GLN A 746 19.24 13.47 28.27
CA GLN A 746 20.33 13.94 29.13
C GLN A 746 20.15 13.36 30.53
N ASP A 747 21.22 12.75 31.04
CA ASP A 747 21.18 12.17 32.36
C ASP A 747 21.49 13.25 33.37
N THR A 748 21.30 12.94 34.65
CA THR A 748 21.74 13.85 35.73
C THR A 748 23.24 13.66 36.04
N SER A 749 23.77 12.47 35.69
CA SER A 749 25.22 12.30 35.50
C SER A 749 25.71 13.16 34.32
N GLY A 750 24.77 13.54 33.47
CA GLY A 750 25.03 14.39 32.33
C GLY A 750 25.03 13.55 31.08
N GLY A 751 25.22 12.24 31.26
CA GLY A 751 25.26 11.30 30.16
C GLY A 751 23.91 11.15 29.47
N THR A 752 23.82 10.16 28.60
CA THR A 752 22.52 9.85 27.99
C THR A 752 22.09 8.41 28.21
N THR A 753 20.80 8.28 28.49
CA THR A 753 20.23 7.03 28.90
C THR A 753 19.68 6.26 27.72
N ALA A 754 18.43 6.55 27.36
CA ALA A 754 17.62 5.75 26.43
C ALA A 754 16.20 5.67 26.97
N LEU A 755 15.22 5.60 26.07
CA LEU A 755 13.81 5.66 26.49
C LEU A 755 13.10 4.31 26.49
N ARG A 756 13.73 3.34 25.80
CA ARG A 756 13.22 1.98 25.64
C ARG A 756 14.28 1.07 24.97
N PRO A 757 14.14 -0.26 25.14
CA PRO A 757 14.99 -1.18 24.42
C PRO A 757 14.73 -1.09 22.92
N SER A 758 15.79 -1.00 22.13
CA SER A 758 15.69 -0.89 20.66
C SER A 758 16.47 -2.02 20.08
N ALA A 759 16.45 -2.12 18.76
CA ALA A 759 17.25 -3.11 18.09
C ALA A 759 18.74 -2.99 18.34
N SER A 760 19.25 -1.81 18.68
CA SER A 760 20.69 -1.69 18.91
C SER A 760 21.12 -2.03 20.38
N THR A 761 20.17 -2.03 21.29
CA THR A 761 20.45 -2.32 22.68
C THR A 761 20.18 -3.82 23.02
N GLN A 762 19.34 -4.45 22.22
CA GLN A 762 18.96 -5.83 22.42
C GLN A 762 19.78 -6.63 21.42
N ALA A 763 20.77 -5.98 20.81
CA ALA A 763 21.72 -6.61 19.86
C ALA A 763 22.34 -7.93 20.40
N LEU A 764 22.53 -8.96 19.55
CA LEU A 764 23.06 -10.25 20.08
C LEU A 764 24.46 -10.14 20.64
N SER A 765 25.31 -9.43 19.90
CA SER A 765 26.61 -9.00 20.35
C SER A 765 26.67 -7.50 20.09
N SER A 766 27.85 -6.89 20.21
CA SER A 766 27.92 -5.44 20.14
C SER A 766 29.33 -4.86 20.28
N SER A 767 29.47 -3.55 20.07
CA SER A 767 30.79 -2.91 20.08
C SER A 767 30.62 -1.44 19.92
N VAL A 768 31.62 -0.67 20.33
CA VAL A 768 31.58 0.78 20.15
C VAL A 768 32.83 1.28 19.43
N SER A 769 32.79 2.53 18.97
CA SER A 769 33.94 3.11 18.29
C SER A 769 34.93 3.52 19.34
N SER A 770 36.18 3.17 19.10
CA SER A 770 37.27 3.60 19.96
C SER A 770 37.88 4.88 19.37
N SER A 771 38.33 4.78 18.12
CA SER A 771 38.80 5.92 17.31
C SER A 771 38.92 7.29 18.01
N LYS A 772 40.05 7.95 17.79
CA LYS A 772 40.37 9.16 18.55
C LYS A 772 40.52 10.41 17.67
N LEU A 773 40.10 10.32 16.40
CA LEU A 773 40.29 11.40 15.44
C LEU A 773 39.91 12.80 15.91
N PHE A 774 39.01 12.90 16.89
CA PHE A 774 38.57 14.20 17.41
C PHE A 774 38.92 14.41 18.91
N SER A 775 38.50 15.53 19.50
CA SER A 775 38.83 15.84 20.91
C SER A 775 37.85 16.80 21.56
N SER A 776 37.61 17.93 20.90
CA SER A 776 36.65 18.93 21.36
C SER A 776 35.22 18.40 21.27
N GLY A 786 16.41 15.08 29.62
CA GLY A 786 15.83 16.32 29.11
C GLY A 786 16.28 16.63 27.70
N GLU A 787 17.49 17.16 27.56
CA GLU A 787 18.12 17.37 26.26
C GLU A 787 18.16 16.03 25.47
N GLU A 788 17.66 16.08 24.24
CA GLU A 788 17.53 14.88 23.41
C GLU A 788 18.68 14.74 22.46
N VAL A 789 19.04 13.52 22.08
CA VAL A 789 20.22 13.26 21.27
C VAL A 789 20.06 11.91 20.54
N GLU A 790 20.79 11.74 19.45
CA GLU A 790 20.71 10.54 18.65
C GLU A 790 21.94 9.70 18.90
N VAL A 791 21.74 8.38 18.98
CA VAL A 791 22.86 7.49 19.05
C VAL A 791 22.76 6.63 17.81
N HIS A 792 23.85 6.55 17.05
CA HIS A 792 23.81 5.87 15.76
C HIS A 792 24.51 4.53 15.76
N ASN A 793 24.09 3.63 14.88
CA ASN A 793 24.58 2.28 14.89
C ASN A 793 24.62 1.68 13.52
N LEU A 794 25.64 0.88 13.22
CA LEU A 794 25.53 -0.11 12.14
C LEU A 794 25.00 -1.40 12.77
N LEU A 795 23.98 -2.02 12.20
CA LEU A 795 23.37 -3.24 12.76
C LEU A 795 23.64 -4.32 11.77
N ILE A 796 23.85 -5.55 12.24
CA ILE A 796 24.09 -6.64 11.29
C ILE A 796 22.94 -7.63 11.34
N ILE A 797 22.13 -7.69 10.29
CA ILE A 797 20.87 -8.44 10.37
C ILE A 797 20.88 -9.74 9.59
N ASP A 798 20.59 -10.84 10.28
CA ASP A 798 20.65 -12.12 9.56
C ASP A 798 19.58 -12.11 8.46
N GLN A 799 19.91 -12.63 7.30
CA GLN A 799 18.94 -12.53 6.21
C GLN A 799 17.80 -13.49 6.29
N HIS A 800 17.94 -14.54 7.09
CA HIS A 800 16.89 -15.54 7.22
C HIS A 800 16.04 -15.23 8.43
N THR A 801 16.69 -14.94 9.56
CA THR A 801 15.96 -14.78 10.80
C THR A 801 15.58 -13.35 11.13
N PHE A 802 16.15 -12.42 10.37
CA PHE A 802 16.14 -11.00 10.69
C PHE A 802 16.44 -10.64 12.16
N GLU A 803 17.40 -11.37 12.75
CA GLU A 803 17.97 -11.01 14.07
C GLU A 803 19.11 -10.00 13.90
N VAL A 804 19.17 -9.07 14.85
CA VAL A 804 20.34 -8.22 15.05
C VAL A 804 21.53 -9.05 15.56
N LEU A 805 22.32 -9.58 14.64
CA LEU A 805 23.52 -10.26 15.03
C LEU A 805 24.46 -9.31 15.78
N HIS A 806 24.86 -8.21 15.16
CA HIS A 806 25.79 -7.33 15.84
C HIS A 806 25.28 -5.88 15.85
N ALA A 807 25.71 -5.10 16.83
CA ALA A 807 25.49 -3.66 16.79
C ALA A 807 26.77 -2.86 17.04
N HIS A 808 27.19 -2.05 16.07
CA HIS A 808 28.31 -1.16 16.31
C HIS A 808 27.88 0.28 16.52
N GLN A 809 28.01 0.77 17.74
CA GLN A 809 27.65 2.13 18.03
C GLN A 809 28.76 3.14 17.68
N PHE A 810 28.38 4.21 16.99
CA PHE A 810 29.35 5.21 16.58
C PHE A 810 29.64 6.16 17.73
N LEU A 811 30.41 7.23 17.49
CA LEU A 811 30.90 8.10 18.58
C LEU A 811 29.79 8.97 19.13
N GLN A 812 30.03 9.61 20.26
CA GLN A 812 29.11 10.59 20.75
C GLN A 812 28.93 11.66 19.68
N ASN A 813 27.69 11.79 19.19
CA ASN A 813 27.25 12.77 18.17
C ASN A 813 27.71 12.48 16.77
N GLU A 814 27.98 11.23 16.51
CA GLU A 814 28.34 10.82 15.19
C GLU A 814 27.12 10.18 14.48
N TYR A 815 26.57 10.88 13.50
CA TYR A 815 25.53 10.33 12.67
C TYR A 815 26.16 9.54 11.56
N ALA A 816 25.60 8.38 11.29
CA ALA A 816 26.05 7.59 10.16
C ALA A 816 24.99 7.76 9.08
N LEU A 817 25.37 8.33 7.95
CA LEU A 817 24.43 8.76 6.92
C LEU A 817 24.48 7.94 5.63
N SER A 818 25.60 7.27 5.35
CA SER A 818 25.71 6.46 4.11
C SER A 818 26.20 5.00 4.30
N LEU A 819 25.79 4.09 3.42
CA LEU A 819 26.25 2.72 3.54
C LEU A 819 26.48 1.96 2.23
N VAL A 820 27.60 1.24 2.14
CA VAL A 820 27.82 0.37 0.99
C VAL A 820 28.32 -0.94 1.44
N SER A 821 28.03 -1.95 0.64
CA SER A 821 28.62 -3.25 0.79
C SER A 821 29.43 -3.57 -0.45
N CYS A 822 30.75 -3.48 -0.35
CA CYS A 822 31.54 -3.73 -1.53
C CYS A 822 32.95 -4.27 -1.29
N LYS A 823 33.48 -4.92 -2.33
CA LYS A 823 34.89 -5.23 -2.40
C LYS A 823 35.60 -4.02 -2.97
N LEU A 824 36.81 -3.76 -2.51
CA LEU A 824 37.60 -2.65 -3.05
C LEU A 824 39.02 -3.06 -3.46
N GLY A 825 39.55 -2.42 -4.52
CA GLY A 825 40.94 -2.63 -4.99
C GLY A 825 41.22 -4.07 -5.40
N LYS A 826 42.46 -4.54 -5.23
CA LYS A 826 42.78 -5.96 -5.48
C LYS A 826 42.29 -6.86 -4.34
N ASP A 827 42.20 -6.24 -3.17
CA ASP A 827 41.63 -6.79 -1.92
C ASP A 827 40.34 -7.64 -2.10
N PRO A 828 40.39 -8.94 -1.73
CA PRO A 828 39.31 -9.89 -2.06
C PRO A 828 38.13 -9.92 -1.06
N ASN A 829 38.20 -9.06 -0.05
CA ASN A 829 37.18 -8.97 0.97
C ASN A 829 36.06 -8.05 0.59
N THR A 830 34.81 -8.45 0.93
CA THR A 830 33.66 -7.54 0.88
C THR A 830 33.55 -6.77 2.20
N TYR A 831 33.76 -5.47 2.16
CA TYR A 831 33.61 -4.65 3.38
C TYR A 831 32.22 -4.00 3.48
N PHE A 832 31.89 -3.50 4.67
CA PHE A 832 30.75 -2.64 4.90
C PHE A 832 31.29 -1.27 5.18
N ILE A 833 31.27 -0.39 4.19
CA ILE A 833 31.74 0.97 4.48
C ILE A 833 30.61 1.93 4.84
N VAL A 834 30.86 2.71 5.88
CA VAL A 834 29.91 3.65 6.42
C VAL A 834 30.44 5.09 6.45
N GLY A 835 29.74 6.02 5.81
CA GLY A 835 30.16 7.42 5.89
C GLY A 835 29.40 8.09 7.01
N THR A 836 30.08 8.88 7.82
CA THR A 836 29.45 9.45 9.00
C THR A 836 29.61 10.96 9.11
N ALA A 837 29.34 11.53 10.27
CA ALA A 837 29.44 12.97 10.35
C ALA A 837 29.14 13.52 11.75
N MET A 838 29.89 14.51 12.19
CA MET A 838 29.74 14.99 13.54
C MET A 838 28.77 16.16 13.57
N VAL A 839 27.60 15.92 14.13
CA VAL A 839 26.49 16.87 14.08
C VAL A 839 26.38 17.56 15.42
N TYR A 840 26.47 18.89 15.45
CA TYR A 840 26.19 19.64 16.68
C TYR A 840 25.14 20.68 16.37
N PRO A 841 24.02 20.69 17.14
CA PRO A 841 22.79 21.47 16.84
C PRO A 841 23.00 22.96 16.56
N GLU A 842 23.95 23.58 17.26
CA GLU A 842 24.28 24.97 17.07
C GLU A 842 24.80 25.21 15.66
N GLU A 843 25.72 24.34 15.23
CA GLU A 843 26.35 24.44 13.91
C GLU A 843 25.34 24.43 12.76
N ALA A 844 25.71 25.07 11.66
CA ALA A 844 24.83 25.15 10.50
C ALA A 844 24.96 23.88 9.70
N GLU A 845 26.12 23.28 9.84
CA GLU A 845 26.56 22.28 8.92
C GLU A 845 27.79 21.65 9.54
N PRO A 846 27.86 20.32 9.54
CA PRO A 846 29.03 19.67 10.11
C PRO A 846 30.27 19.88 9.24
N LYS A 847 31.39 20.09 9.92
CA LYS A 847 32.72 20.28 9.34
C LYS A 847 33.58 19.02 9.51
N GLN A 848 33.16 18.11 10.39
CA GLN A 848 33.90 16.87 10.69
C GLN A 848 33.06 15.64 10.41
N GLY A 849 33.69 14.60 9.88
CA GLY A 849 33.03 13.32 9.67
C GLY A 849 34.08 12.28 9.32
N ARG A 850 33.66 11.02 9.17
CA ARG A 850 34.64 10.03 8.75
C ARG A 850 34.06 8.96 7.87
N ILE A 851 34.96 8.30 7.16
CA ILE A 851 34.62 7.09 6.47
C ILE A 851 35.23 5.89 7.21
N VAL A 852 34.44 4.84 7.40
CA VAL A 852 34.89 3.73 8.22
C VAL A 852 34.71 2.47 7.45
N VAL A 853 35.73 1.63 7.44
CA VAL A 853 35.66 0.40 6.66
C VAL A 853 35.67 -0.79 7.59
N PHE A 854 34.64 -1.63 7.47
CA PHE A 854 34.43 -2.71 8.41
C PHE A 854 34.37 -4.03 7.68
N GLN A 855 34.79 -5.08 8.39
CA GLN A 855 34.50 -6.43 7.98
C GLN A 855 33.72 -7.18 9.04
N TYR A 856 32.72 -7.91 8.56
CA TYR A 856 31.96 -8.86 9.33
C TYR A 856 32.41 -10.28 8.90
N SER A 857 32.98 -11.01 9.86
CA SER A 857 33.75 -12.24 9.61
C SER A 857 32.93 -13.54 9.71
N ASP A 858 33.34 -14.41 10.64
CA ASP A 858 32.61 -15.62 10.99
C ASP A 858 31.33 -15.22 11.73
N GLY A 859 31.50 -14.24 12.62
CA GLY A 859 30.42 -13.64 13.37
C GLY A 859 30.96 -12.39 14.01
N LYS A 860 32.01 -11.83 13.39
CA LYS A 860 32.76 -10.72 13.98
C LYS A 860 32.60 -9.41 13.19
N LEU A 861 32.88 -8.27 13.82
CA LEU A 861 32.80 -6.98 13.12
C LEU A 861 34.04 -6.14 13.38
N GLN A 862 35.03 -6.24 12.50
CA GLN A 862 36.28 -5.51 12.72
C GLN A 862 36.30 -4.12 12.06
N THR A 863 36.63 -3.10 12.87
CA THR A 863 37.00 -1.77 12.36
C THR A 863 38.33 -1.88 11.58
N VAL A 864 38.24 -2.08 10.25
CA VAL A 864 39.39 -2.35 9.36
C VAL A 864 40.17 -1.10 8.99
N ALA A 865 39.58 0.08 9.17
CA ALA A 865 40.20 1.33 8.70
C ALA A 865 39.26 2.47 8.93
N GLU A 866 39.82 3.64 9.24
CA GLU A 866 39.05 4.87 9.32
C GLU A 866 39.70 5.97 8.48
N LYS A 867 38.98 7.07 8.25
CA LYS A 867 39.45 8.14 7.36
C LYS A 867 38.84 9.48 7.67
N GLU A 868 39.57 10.37 8.35
CA GLU A 868 39.05 11.69 8.63
C GLU A 868 38.52 12.36 7.38
N VAL A 869 37.37 13.03 7.50
CA VAL A 869 36.93 14.01 6.48
C VAL A 869 36.56 15.36 7.13
N LYS A 870 36.47 16.38 6.28
CA LYS A 870 36.15 17.75 6.70
C LYS A 870 34.72 18.12 6.28
N GLY A 871 33.81 17.17 6.51
CA GLY A 871 32.42 17.37 6.14
C GLY A 871 31.55 16.22 6.60
N ALA A 872 30.34 16.20 6.03
CA ALA A 872 29.31 15.18 6.31
C ALA A 872 29.16 14.31 5.10
N VAL A 873 29.50 13.04 5.22
CA VAL A 873 29.42 12.19 4.04
C VAL A 873 27.99 11.83 3.66
N TYR A 874 27.48 12.45 2.58
CA TYR A 874 26.07 12.31 2.23
C TYR A 874 25.73 11.06 1.48
N SER A 875 26.51 10.70 0.49
CA SER A 875 26.31 9.44 -0.12
C SER A 875 27.64 8.74 -0.50
N MET A 876 27.58 7.50 -0.99
CA MET A 876 28.78 6.86 -1.54
C MET A 876 28.52 5.59 -2.37
N VAL A 877 28.75 5.59 -3.66
CA VAL A 877 28.64 4.33 -4.37
C VAL A 877 30.01 3.71 -4.55
N GLU A 878 30.05 2.46 -4.98
CA GLU A 878 31.31 1.81 -5.33
C GLU A 878 31.50 2.03 -6.82
N PHE A 879 32.56 2.75 -7.16
CA PHE A 879 32.77 3.12 -8.56
C PHE A 879 33.31 1.93 -9.33
N ASN A 880 34.63 1.82 -9.48
CA ASN A 880 35.20 0.72 -10.24
C ASN A 880 36.33 0.11 -9.45
N GLY A 881 35.98 -0.43 -8.30
CA GLY A 881 36.99 -0.96 -7.43
C GLY A 881 37.50 0.18 -6.57
N LYS A 882 36.94 1.37 -6.80
CA LYS A 882 37.24 2.53 -5.93
C LYS A 882 35.99 2.95 -5.18
N LEU A 883 36.18 3.66 -4.09
CA LEU A 883 35.08 4.24 -3.32
C LEU A 883 34.90 5.71 -3.65
N LEU A 884 33.82 6.00 -4.35
CA LEU A 884 33.42 7.33 -4.68
C LEU A 884 32.52 7.74 -3.55
N ALA A 885 32.85 8.84 -2.91
CA ALA A 885 32.09 9.31 -1.78
C ALA A 885 31.35 10.59 -1.99
N SER A 886 31.56 11.58 -1.17
CA SER A 886 30.83 12.78 -1.36
C SER A 886 30.71 13.36 -0.01
N ILE A 887 31.31 14.51 0.20
CA ILE A 887 31.34 15.14 1.47
C ILE A 887 30.85 16.58 1.55
N ASN A 888 29.71 16.82 2.14
CA ASN A 888 29.26 18.18 2.29
C ASN A 888 29.20 18.98 1.05
N SER A 889 29.90 18.60 0.00
CA SER A 889 29.84 19.47 -1.17
C SER A 889 30.98 19.27 -2.11
N THR A 890 31.79 18.34 -1.72
CA THR A 890 32.93 17.95 -2.46
C THR A 890 32.59 16.51 -2.76
N VAL A 891 33.05 16.08 -3.91
CA VAL A 891 32.84 14.73 -4.35
C VAL A 891 34.19 14.16 -4.56
N ARG A 892 34.46 12.98 -4.00
CA ARG A 892 35.75 12.37 -4.10
C ARG A 892 35.84 10.97 -4.59
N LEU A 893 37.04 10.58 -4.91
CA LEU A 893 37.22 9.23 -5.38
C LEU A 893 38.34 8.66 -4.59
N TYR A 894 38.06 7.68 -3.76
CA TYR A 894 39.09 7.10 -2.91
C TYR A 894 39.65 5.85 -3.53
N GLU A 895 40.96 5.72 -3.41
CA GLU A 895 41.62 4.47 -3.73
C GLU A 895 42.04 3.68 -2.51
N TRP A 896 41.87 2.37 -2.62
CA TRP A 896 42.25 1.43 -1.58
C TRP A 896 43.70 0.95 -1.76
N THR A 897 44.62 1.54 -0.99
CA THR A 897 45.99 1.06 -0.96
C THR A 897 46.00 -0.46 -0.71
N THR A 898 46.98 -1.14 -1.30
CA THR A 898 47.25 -2.55 -0.99
C THR A 898 47.65 -2.65 0.47
N GLU A 899 48.27 -1.57 0.96
CA GLU A 899 48.54 -1.38 2.38
C GLU A 899 47.24 -1.31 3.19
N LYS A 900 46.08 -1.54 2.54
CA LYS A 900 44.72 -1.50 3.11
C LYS A 900 44.28 -0.17 3.73
N ASP A 901 44.34 0.91 2.94
CA ASP A 901 43.89 2.25 3.41
C ASP A 901 43.18 3.06 2.32
N VAL A 902 42.22 3.93 2.70
CA VAL A 902 41.56 4.80 1.68
C VAL A 902 42.30 6.14 1.48
N ARG A 903 42.98 6.26 0.34
CA ARG A 903 43.66 7.51 -0.09
C ARG A 903 43.10 8.17 -1.37
N THR A 904 42.97 9.49 -1.30
CA THR A 904 42.36 10.31 -2.35
C THR A 904 42.99 10.08 -3.70
N GLU A 905 42.20 10.17 -4.77
CA GLU A 905 42.71 10.16 -6.13
C GLU A 905 42.35 11.45 -6.82
N CYS A 906 41.13 11.90 -6.63
CA CYS A 906 40.67 13.16 -7.19
C CYS A 906 39.37 13.63 -6.55
N ASN A 907 39.05 14.90 -6.76
CA ASN A 907 37.74 15.46 -6.41
C ASN A 907 37.18 16.59 -7.27
N HIS A 908 35.86 16.57 -7.47
CA HIS A 908 35.10 17.62 -8.12
C HIS A 908 34.63 18.58 -7.05
N TYR A 909 34.68 19.89 -7.31
CA TYR A 909 34.35 20.86 -6.26
C TYR A 909 33.11 21.71 -6.50
N ASN A 910 32.57 21.64 -7.70
CA ASN A 910 31.55 22.59 -8.11
C ASN A 910 30.13 22.13 -7.72
N ASN A 911 29.86 22.11 -6.42
CA ASN A 911 28.57 21.65 -5.90
C ASN A 911 28.14 22.56 -4.82
N ILE A 912 26.85 22.82 -4.74
CA ILE A 912 26.29 23.55 -3.63
C ILE A 912 26.26 22.59 -2.44
N MET A 913 25.87 21.33 -2.71
CA MET A 913 25.81 20.22 -1.75
C MET A 913 25.50 18.91 -2.45
N ALA A 914 26.55 18.12 -2.68
CA ALA A 914 26.43 16.78 -3.31
C ALA A 914 25.74 15.78 -2.37
N LEU A 915 24.46 15.53 -2.63
CA LEU A 915 23.67 14.57 -1.76
C LEU A 915 23.51 13.24 -2.20
N TYR A 916 23.60 12.99 -3.50
CA TYR A 916 23.33 11.63 -4.16
C TYR A 916 24.28 11.33 -5.25
N LEU A 917 24.61 10.03 -5.41
CA LEU A 917 25.39 9.68 -6.63
C LEU A 917 24.94 8.34 -7.22
N LYS A 918 25.18 8.09 -8.46
CA LYS A 918 24.88 6.81 -9.07
C LYS A 918 25.98 6.74 -10.09
N THR A 919 26.14 5.57 -10.71
CA THR A 919 27.30 5.33 -11.51
C THR A 919 26.77 4.55 -12.62
N LYS A 920 27.02 5.01 -13.83
CA LYS A 920 26.61 4.24 -14.98
C LYS A 920 27.84 3.49 -15.39
N GLY A 921 27.70 2.16 -15.26
CA GLY A 921 28.75 1.16 -15.44
C GLY A 921 30.11 1.77 -15.65
N ASP A 922 30.22 2.46 -16.78
CA ASP A 922 31.39 3.23 -17.16
C ASP A 922 31.76 4.28 -16.10
N PHE A 923 32.65 5.19 -16.49
CA PHE A 923 33.21 6.11 -15.56
C PHE A 923 32.30 7.34 -15.41
N ILE A 924 31.00 7.12 -15.56
CA ILE A 924 29.98 8.20 -15.45
C ILE A 924 29.27 8.23 -14.06
N LEU A 925 29.11 9.43 -13.49
CA LEU A 925 28.45 9.73 -12.16
C LEU A 925 27.42 10.90 -12.29
N VAL A 926 26.62 11.21 -11.25
CA VAL A 926 25.52 12.26 -11.28
C VAL A 926 25.09 12.81 -9.90
N GLY A 927 24.86 14.14 -9.67
CA GLY A 927 24.01 14.66 -8.49
C GLY A 927 24.17 16.06 -7.79
N ASP A 928 23.12 16.55 -7.01
CA ASP A 928 23.09 17.86 -6.12
C ASP A 928 21.80 18.31 -5.35
N LEU A 929 21.93 19.17 -4.32
CA LEU A 929 20.87 19.62 -3.39
C LEU A 929 19.86 20.70 -3.80
N MET A 930 20.33 21.90 -4.10
CA MET A 930 19.43 22.91 -4.64
C MET A 930 19.53 23.14 -6.16
N ARG A 931 20.44 22.47 -6.84
CA ARG A 931 20.76 22.87 -8.22
C ARG A 931 20.67 21.67 -9.16
N SER A 932 19.54 20.96 -9.09
CA SER A 932 19.30 19.74 -9.87
C SER A 932 20.49 18.82 -10.04
N VAL A 933 20.89 18.50 -11.27
CA VAL A 933 21.82 17.39 -11.44
C VAL A 933 23.07 17.68 -12.34
N LEU A 934 24.22 17.09 -11.98
CA LEU A 934 25.44 17.16 -12.80
C LEU A 934 25.72 15.78 -13.37
N LEU A 935 26.48 15.74 -14.46
CA LEU A 935 26.97 14.51 -15.03
C LEU A 935 28.48 14.63 -15.00
N LEU A 936 29.15 13.61 -14.47
CA LEU A 936 30.62 13.59 -14.40
C LEU A 936 31.19 12.34 -15.05
N ALA A 937 32.43 12.44 -15.51
CA ALA A 937 33.19 11.24 -15.91
C ALA A 937 34.50 11.09 -15.18
N TYR A 938 34.99 9.87 -15.20
CA TYR A 938 36.29 9.60 -14.70
C TYR A 938 37.16 9.46 -15.90
N LYS A 939 38.28 10.12 -15.84
CA LYS A 939 39.22 10.10 -16.93
C LYS A 939 40.45 9.32 -16.50
N PRO A 940 40.56 8.05 -16.95
CA PRO A 940 41.83 7.36 -16.80
C PRO A 940 42.89 8.13 -17.62
N MET A 941 43.06 9.38 -17.26
CA MET A 941 43.97 10.25 -17.92
C MET A 941 44.99 10.41 -16.84
N GLU A 942 44.90 11.52 -16.13
CA GLU A 942 45.66 11.73 -14.92
C GLU A 942 44.81 11.22 -13.77
N GLY A 943 43.77 10.48 -14.11
CA GLY A 943 42.83 10.00 -13.13
C GLY A 943 42.14 11.20 -12.54
N ASN A 944 41.31 11.82 -13.35
CA ASN A 944 40.63 13.04 -12.94
C ASN A 944 39.12 13.02 -13.24
N PHE A 945 38.40 13.97 -12.63
CA PHE A 945 37.01 14.22 -13.01
C PHE A 945 36.92 15.28 -14.08
N GLU A 946 36.17 14.95 -15.14
CA GLU A 946 35.69 15.91 -16.09
C GLU A 946 34.19 16.12 -15.91
N GLU A 947 33.79 17.32 -15.47
CA GLU A 947 32.35 17.66 -15.35
C GLU A 947 31.81 17.75 -16.74
N ILE A 948 31.06 16.75 -17.18
CA ILE A 948 30.55 16.74 -18.55
C ILE A 948 29.45 17.76 -18.84
N ALA A 949 28.41 17.77 -18.02
CA ALA A 949 27.30 18.67 -18.27
C ALA A 949 26.45 18.82 -17.03
N ARG A 950 25.62 19.86 -16.99
CA ARG A 950 24.60 19.97 -15.93
C ARG A 950 23.24 20.51 -16.37
N ASP A 951 22.26 20.35 -15.50
CA ASP A 951 20.94 20.85 -15.72
C ASP A 951 20.86 22.12 -14.96
N PHE A 952 20.44 23.17 -15.65
CA PHE A 952 20.54 24.50 -15.13
C PHE A 952 19.16 24.94 -14.64
N ASN A 953 18.61 24.22 -13.66
CA ASN A 953 17.32 24.57 -13.06
C ASN A 953 17.33 24.43 -11.56
N PRO A 954 16.46 25.17 -10.85
CA PRO A 954 16.51 25.26 -9.39
C PRO A 954 15.81 24.13 -8.64
N ASN A 955 16.01 22.89 -9.11
CA ASN A 955 15.52 21.67 -8.43
C ASN A 955 16.23 21.30 -7.13
N TRP A 956 15.54 21.43 -6.00
CA TRP A 956 16.04 20.89 -4.76
C TRP A 956 15.82 19.37 -4.74
N MET A 957 16.76 18.62 -5.29
CA MET A 957 16.68 17.17 -5.32
C MET A 957 16.38 16.50 -3.99
N SER A 958 15.80 15.32 -4.09
CA SER A 958 15.74 14.37 -3.00
C SER A 958 16.25 12.97 -3.40
N ALA A 959 16.17 12.61 -4.71
CA ALA A 959 16.61 11.31 -5.17
C ALA A 959 16.97 11.35 -6.64
N VAL A 960 17.94 10.52 -7.04
CA VAL A 960 18.59 10.65 -8.35
C VAL A 960 18.79 9.26 -8.94
N GLU A 961 18.55 9.04 -10.23
CA GLU A 961 18.87 7.71 -10.76
C GLU A 961 19.37 7.83 -12.16
N ILE A 962 20.12 6.81 -12.60
CA ILE A 962 20.50 6.76 -13.98
C ILE A 962 19.64 5.70 -14.61
N LEU A 963 18.81 6.06 -15.57
CA LEU A 963 18.04 4.99 -16.20
C LEU A 963 18.87 4.39 -17.30
N ASP A 964 19.72 5.21 -17.90
CA ASP A 964 20.56 4.75 -19.01
C ASP A 964 21.61 5.77 -19.43
N ASP A 965 22.45 5.36 -20.38
CA ASP A 965 23.63 6.13 -20.78
C ASP A 965 23.41 7.62 -20.97
N ASP A 966 22.17 7.96 -21.34
CA ASP A 966 21.86 9.30 -21.77
C ASP A 966 20.68 9.85 -20.99
N ASN A 967 19.94 8.97 -20.30
CA ASN A 967 18.78 9.36 -19.48
C ASN A 967 18.99 9.34 -17.99
N PHE A 968 18.79 10.50 -17.37
CA PHE A 968 18.83 10.67 -15.90
C PHE A 968 17.50 11.08 -15.21
N LEU A 969 16.97 10.22 -14.32
CA LEU A 969 15.75 10.50 -13.52
C LEU A 969 16.03 11.27 -12.28
N GLY A 970 15.12 12.17 -11.95
CA GLY A 970 15.34 13.06 -10.83
C GLY A 970 13.99 13.25 -10.19
N ALA A 971 14.01 13.41 -8.86
CA ALA A 971 12.86 13.61 -7.99
C ALA A 971 13.23 14.73 -7.10
N GLU A 972 12.31 15.64 -6.81
CA GLU A 972 12.71 16.79 -5.95
C GLU A 972 11.68 17.35 -5.00
N ASN A 973 12.17 18.00 -3.96
CA ASN A 973 11.49 19.03 -3.20
C ASN A 973 9.99 19.16 -3.35
N ALA A 974 9.49 19.08 -4.58
CA ALA A 974 8.12 19.48 -4.82
C ALA A 974 7.28 18.37 -5.51
N PHE A 975 7.62 17.14 -5.17
CA PHE A 975 6.88 15.99 -5.63
C PHE A 975 6.77 15.99 -7.12
N ASN A 976 7.80 16.46 -7.83
CA ASN A 976 7.89 16.31 -9.30
C ASN A 976 8.97 15.31 -9.71
N LEU A 977 8.78 14.68 -10.85
CA LEU A 977 9.81 13.90 -11.44
C LEU A 977 10.29 14.58 -12.72
N PHE A 978 11.57 14.36 -13.07
CA PHE A 978 12.08 14.89 -14.30
C PHE A 978 13.18 14.04 -14.92
N VAL A 979 13.31 14.17 -16.22
CA VAL A 979 14.36 13.48 -16.86
C VAL A 979 15.24 14.48 -17.59
N CYS A 980 16.55 14.30 -17.47
CA CYS A 980 17.51 15.05 -18.23
C CYS A 980 18.20 14.11 -19.22
N GLN A 981 18.58 14.67 -20.37
CA GLN A 981 19.57 14.05 -21.23
C GLN A 981 20.58 15.04 -21.80
N LYS A 982 21.73 14.53 -22.22
CA LYS A 982 22.76 15.36 -22.85
C LYS A 982 22.26 15.84 -24.22
N ASP A 983 22.58 17.10 -24.52
CA ASP A 983 22.10 17.73 -25.73
C ASP A 983 22.99 17.39 -26.92
N SER A 984 22.60 16.37 -27.70
CA SER A 984 23.24 16.12 -28.98
C SER A 984 23.07 17.38 -29.86
N ALA A 985 24.17 18.11 -30.06
CA ALA A 985 24.13 19.46 -30.62
C ALA A 985 25.46 19.97 -31.15
N ALA A 986 25.39 20.59 -32.32
CA ALA A 986 26.47 21.41 -32.87
C ALA A 986 26.89 22.46 -31.84
N THR A 987 28.09 23.02 -32.01
CA THR A 987 28.69 24.02 -31.07
C THR A 987 29.07 23.37 -29.73
N THR A 988 29.58 22.14 -29.86
CA THR A 988 29.76 21.18 -28.76
C THR A 988 30.67 21.67 -27.64
N ASP A 989 30.24 22.73 -26.96
CA ASP A 989 30.99 23.30 -25.85
C ASP A 989 30.09 23.98 -24.85
N GLU A 990 28.96 24.48 -25.35
CA GLU A 990 27.99 25.13 -24.49
C GLU A 990 26.68 24.35 -24.54
N GLU A 991 26.18 24.12 -25.75
CA GLU A 991 25.02 23.27 -25.94
C GLU A 991 25.32 21.88 -25.41
N ARG A 992 26.59 21.47 -25.52
CA ARG A 992 27.08 20.20 -25.00
C ARG A 992 27.16 20.20 -23.48
N GLN A 993 27.54 21.35 -22.93
CA GLN A 993 27.76 21.53 -21.51
C GLN A 993 26.43 21.57 -20.75
N HIS A 994 25.33 21.51 -21.50
CA HIS A 994 23.99 21.68 -20.94
C HIS A 994 23.17 20.44 -21.22
N LEU A 995 22.32 20.05 -20.27
CA LEU A 995 21.42 18.92 -20.52
C LEU A 995 19.98 19.27 -20.28
N GLN A 996 19.13 18.82 -21.18
CA GLN A 996 17.79 19.33 -21.19
C GLN A 996 16.79 18.44 -20.47
N GLU A 997 15.85 19.11 -19.81
CA GLU A 997 14.69 18.47 -19.18
C GLU A 997 13.74 17.94 -20.24
N VAL A 998 13.94 16.68 -20.64
CA VAL A 998 13.17 16.13 -21.73
C VAL A 998 11.95 15.40 -21.25
N GLY A 999 11.65 15.53 -19.95
CA GLY A 999 10.48 14.90 -19.32
C GLY A 999 10.15 15.51 -17.96
N LEU A 1000 8.88 15.77 -17.73
CA LEU A 1000 8.45 16.41 -16.49
C LEU A 1000 7.11 15.80 -16.15
N PHE A 1001 6.74 15.80 -14.87
CA PHE A 1001 5.57 15.05 -14.43
C PHE A 1001 5.37 15.18 -12.92
N HIS A 1002 4.19 15.64 -12.50
CA HIS A 1002 3.97 15.75 -11.05
C HIS A 1002 3.52 14.39 -10.50
N LEU A 1003 4.35 13.78 -9.66
CA LEU A 1003 4.03 12.47 -9.04
C LEU A 1003 3.06 12.58 -7.89
N GLY A 1004 3.30 13.52 -6.98
CA GLY A 1004 2.44 13.74 -5.84
C GLY A 1004 3.01 13.05 -4.61
N GLU A 1005 4.25 12.58 -4.71
CA GLU A 1005 4.91 11.93 -3.59
C GLU A 1005 6.32 12.42 -3.42
N PHE A 1006 6.84 12.38 -2.20
CA PHE A 1006 8.24 12.70 -2.00
C PHE A 1006 9.11 11.44 -2.12
N VAL A 1007 10.03 11.42 -3.09
CA VAL A 1007 10.83 10.20 -3.33
C VAL A 1007 12.15 10.12 -2.49
N ASN A 1008 12.32 9.14 -1.61
CA ASN A 1008 13.59 9.00 -0.89
C ASN A 1008 14.59 8.10 -1.64
N VAL A 1009 14.15 7.11 -2.41
CA VAL A 1009 15.09 6.18 -2.95
C VAL A 1009 14.68 5.64 -4.30
N PHE A 1010 15.61 5.67 -5.25
CA PHE A 1010 15.41 4.92 -6.47
C PHE A 1010 16.37 3.77 -6.40
N CYS A 1011 15.95 2.63 -6.96
CA CYS A 1011 16.91 1.59 -7.22
C CYS A 1011 16.39 0.69 -8.31
N HIS A 1012 17.31 0.25 -9.15
CA HIS A 1012 16.98 -0.69 -10.21
C HIS A 1012 16.65 -2.00 -9.53
N GLY A 1013 15.62 -2.65 -10.03
CA GLY A 1013 15.15 -3.94 -9.55
C GLY A 1013 13.71 -4.14 -10.00
N SER A 1014 13.12 -5.28 -9.67
CA SER A 1014 11.72 -5.52 -9.97
C SER A 1014 11.21 -6.52 -8.99
N LEU A 1015 9.92 -6.57 -8.80
CA LEU A 1015 9.35 -7.49 -7.86
C LEU A 1015 8.73 -8.69 -8.49
N VAL A 1016 8.87 -8.87 -9.80
CA VAL A 1016 8.05 -9.86 -10.52
C VAL A 1016 8.57 -11.29 -10.80
N MET A 1017 8.99 -11.41 -12.06
CA MET A 1017 9.11 -12.62 -12.85
C MET A 1017 9.74 -13.81 -12.16
N GLN A 1018 10.26 -14.74 -12.95
CA GLN A 1018 10.74 -15.99 -12.37
C GLN A 1018 11.20 -15.82 -10.93
N PRO A 1026 7.96 -4.56 -24.92
CA PRO A 1026 6.99 -3.49 -24.60
C PRO A 1026 7.64 -2.37 -23.82
N THR A 1027 8.37 -2.73 -22.76
CA THR A 1027 9.03 -1.79 -21.87
C THR A 1027 10.49 -2.15 -21.58
N GLN A 1028 11.29 -1.13 -21.31
CA GLN A 1028 12.71 -1.30 -21.07
C GLN A 1028 13.05 -0.76 -19.67
N GLY A 1029 13.91 -1.49 -18.95
CA GLY A 1029 14.33 -1.12 -17.61
C GLY A 1029 13.23 -1.40 -16.61
N SER A 1030 13.60 -1.35 -15.33
CA SER A 1030 12.63 -1.25 -14.25
C SER A 1030 13.26 -0.54 -13.06
N VAL A 1031 12.76 0.65 -12.75
CA VAL A 1031 13.29 1.38 -11.59
C VAL A 1031 12.29 1.59 -10.49
N LEU A 1032 12.63 1.08 -9.31
CA LEU A 1032 11.66 1.06 -8.26
C LEU A 1032 11.92 2.26 -7.42
N PHE A 1033 10.84 2.83 -6.92
CA PHE A 1033 11.03 3.95 -6.04
C PHE A 1033 10.20 3.90 -4.83
N GLY A 1034 10.79 4.49 -3.82
CA GLY A 1034 10.26 4.36 -2.48
C GLY A 1034 10.01 5.76 -1.94
N THR A 1035 8.79 5.93 -1.47
CA THR A 1035 8.34 7.29 -1.14
C THR A 1035 8.02 7.49 0.36
N VAL A 1036 7.88 8.75 0.79
CA VAL A 1036 7.69 9.05 2.17
C VAL A 1036 6.36 8.60 2.75
N ASN A 1037 5.51 8.02 1.90
CA ASN A 1037 4.11 7.92 2.30
C ASN A 1037 3.71 6.47 2.36
N GLY A 1038 4.60 5.67 1.79
CA GLY A 1038 4.52 4.24 1.84
C GLY A 1038 4.23 3.81 0.46
N MET A 1039 4.07 4.79 -0.42
CA MET A 1039 3.85 4.53 -1.83
C MET A 1039 5.15 3.97 -2.39
N ILE A 1040 5.03 2.82 -3.04
CA ILE A 1040 6.08 2.28 -3.87
C ILE A 1040 5.63 2.40 -5.32
N GLY A 1041 6.42 3.09 -6.14
CA GLY A 1041 6.15 3.18 -7.58
C GLY A 1041 7.20 2.49 -8.47
N LEU A 1042 7.04 2.64 -9.79
CA LEU A 1042 7.94 2.05 -10.81
C LEU A 1042 8.15 2.95 -12.03
N VAL A 1043 9.38 3.20 -12.45
CA VAL A 1043 9.60 3.95 -13.70
C VAL A 1043 10.19 3.05 -14.77
N THR A 1044 9.54 2.97 -15.94
CA THR A 1044 10.08 2.19 -17.07
C THR A 1044 10.22 3.08 -18.27
N SER A 1045 10.92 2.54 -19.28
CA SER A 1045 11.16 3.22 -20.55
C SER A 1045 10.34 2.65 -21.74
N LEU A 1046 10.13 3.47 -22.77
CA LEU A 1046 9.19 3.12 -23.82
C LEU A 1046 9.80 3.30 -25.21
N SER A 1047 9.22 2.63 -26.20
CA SER A 1047 9.37 2.97 -27.61
C SER A 1047 8.53 4.23 -27.90
N GLU A 1048 9.05 5.11 -28.77
CA GLU A 1048 8.34 6.33 -29.22
C GLU A 1048 6.94 6.00 -29.69
N SER A 1049 6.78 4.83 -30.29
CA SER A 1049 5.49 4.43 -30.81
C SER A 1049 4.57 4.02 -29.67
N TRP A 1050 5.08 3.18 -28.77
CA TRP A 1050 4.36 2.88 -27.53
C TRP A 1050 4.00 4.13 -26.77
N TYR A 1051 4.94 5.07 -26.67
CA TYR A 1051 4.67 6.32 -26.01
C TYR A 1051 3.49 6.94 -26.68
N ASN A 1052 3.62 7.09 -28.00
CA ASN A 1052 2.59 7.79 -28.79
C ASN A 1052 1.22 7.13 -28.66
N LEU A 1053 1.20 5.80 -28.77
CA LEU A 1053 -0.04 5.07 -28.59
C LEU A 1053 -0.67 5.51 -27.27
N LEU A 1054 0.16 5.47 -26.23
CA LEU A 1054 -0.32 5.65 -24.88
C LEU A 1054 -0.74 7.09 -24.57
N LEU A 1055 0.06 8.05 -25.05
CA LEU A 1055 -0.26 9.47 -24.92
C LEU A 1055 -1.66 9.76 -25.44
N ASP A 1056 -1.89 9.28 -26.65
CA ASP A 1056 -3.14 9.47 -27.31
C ASP A 1056 -4.17 8.92 -26.37
N MET A 1057 -4.09 7.61 -26.14
CA MET A 1057 -5.05 6.91 -25.28
C MET A 1057 -5.19 7.53 -23.88
N GLN A 1058 -4.12 8.20 -23.41
CA GLN A 1058 -4.20 8.97 -22.18
C GLN A 1058 -5.26 10.05 -22.33
N ASN A 1059 -5.24 10.76 -23.46
CA ASN A 1059 -6.21 11.85 -23.73
C ASN A 1059 -7.62 11.39 -24.03
N ARG A 1060 -7.75 10.32 -24.82
CA ARG A 1060 -9.07 9.78 -25.07
C ARG A 1060 -9.71 9.49 -23.71
N LEU A 1061 -8.96 8.79 -22.86
CA LEU A 1061 -9.41 8.30 -21.56
C LEU A 1061 -9.90 9.36 -20.63
N ASN A 1062 -9.35 10.55 -20.77
CA ASN A 1062 -9.76 11.62 -19.89
C ASN A 1062 -11.12 12.23 -20.20
N LYS A 1063 -11.46 12.32 -21.49
CA LYS A 1063 -12.81 12.68 -21.92
C LYS A 1063 -13.87 11.72 -21.34
N VAL A 1064 -13.61 10.42 -21.44
CA VAL A 1064 -14.55 9.40 -20.98
C VAL A 1064 -14.77 9.36 -19.44
N ILE A 1065 -13.68 9.50 -18.68
CA ILE A 1065 -13.69 9.34 -17.20
C ILE A 1065 -13.94 10.60 -16.37
N LYS A 1066 -14.99 10.49 -15.55
CA LYS A 1066 -15.31 11.48 -14.52
C LYS A 1066 -14.25 11.42 -13.41
N SER A 1067 -13.56 12.53 -13.24
CA SER A 1067 -12.53 12.65 -12.22
C SER A 1067 -13.31 13.14 -11.05
N VAL A 1068 -12.91 12.78 -9.84
CA VAL A 1068 -13.75 13.04 -8.69
C VAL A 1068 -14.14 14.50 -8.54
N GLY A 1069 -13.41 15.30 -7.78
CA GLY A 1069 -13.89 16.68 -7.54
C GLY A 1069 -13.85 17.46 -8.86
N LYS A 1070 -13.95 16.73 -9.97
CA LYS A 1070 -13.92 17.32 -11.29
C LYS A 1070 -12.57 17.98 -11.50
N ILE A 1071 -11.51 17.39 -10.94
CA ILE A 1071 -10.13 17.86 -11.15
C ILE A 1071 -9.66 17.42 -12.52
N GLU A 1072 -9.01 18.32 -13.24
CA GLU A 1072 -8.45 17.95 -14.55
C GLU A 1072 -7.17 17.12 -14.40
N HIS A 1073 -7.19 15.93 -14.95
CA HIS A 1073 -6.03 15.03 -14.94
C HIS A 1073 -4.68 15.69 -15.21
N SER A 1074 -4.65 16.41 -16.34
CA SER A 1074 -3.46 17.13 -16.77
C SER A 1074 -3.19 18.36 -15.89
N PHE A 1075 -4.17 18.89 -15.19
CA PHE A 1075 -3.79 19.90 -14.20
C PHE A 1075 -3.00 19.22 -13.11
N TRP A 1076 -3.48 18.04 -12.73
CA TRP A 1076 -2.87 17.23 -11.70
C TRP A 1076 -1.45 16.88 -12.13
N ARG A 1077 -1.29 16.33 -13.34
CA ARG A 1077 0.04 15.83 -13.69
C ARG A 1077 1.02 16.90 -14.06
N SER A 1078 0.72 18.13 -13.73
CA SER A 1078 1.51 19.23 -14.30
C SER A 1078 2.75 19.51 -13.52
N PHE A 1079 3.90 19.46 -14.17
CA PHE A 1079 5.14 19.79 -13.46
C PHE A 1079 4.98 21.13 -12.80
N HIS A 1080 5.18 21.17 -11.49
CA HIS A 1080 4.80 22.38 -10.75
C HIS A 1080 5.61 22.76 -9.52
N THR A 1081 5.94 24.03 -9.42
CA THR A 1081 6.61 24.55 -8.25
C THR A 1081 5.98 25.89 -7.96
N GLU A 1082 6.20 26.45 -6.78
CA GLU A 1082 5.72 27.80 -6.55
C GLU A 1082 6.67 28.80 -7.22
N ARG A 1083 7.07 28.50 -8.46
CA ARG A 1083 7.83 29.41 -9.31
C ARG A 1083 7.55 29.07 -10.77
N LYS A 1084 6.99 27.90 -11.04
CA LYS A 1084 6.61 27.57 -12.41
C LYS A 1084 5.60 26.44 -12.52
N THR A 1085 4.83 26.45 -13.62
CA THR A 1085 3.89 25.36 -13.93
C THR A 1085 3.86 25.06 -15.43
N GLU A 1086 4.44 23.93 -15.81
CA GLU A 1086 4.47 23.41 -17.17
C GLU A 1086 3.68 22.11 -17.20
N PRO A 1087 3.11 21.73 -18.36
CA PRO A 1087 2.48 20.42 -18.50
C PRO A 1087 3.49 19.29 -18.59
N ALA A 1088 2.98 18.08 -18.39
CA ALA A 1088 3.82 16.93 -18.28
C ALA A 1088 4.26 16.49 -19.64
N THR A 1089 5.52 16.15 -19.78
CA THR A 1089 5.98 15.61 -21.06
C THR A 1089 6.76 14.31 -20.84
N GLY A 1090 6.72 13.41 -21.80
CA GLY A 1090 7.58 12.23 -21.71
C GLY A 1090 7.35 11.31 -20.53
N PHE A 1091 6.13 11.38 -19.99
CA PHE A 1091 5.70 10.53 -18.90
C PHE A 1091 4.23 10.04 -19.03
N ILE A 1092 4.01 8.80 -18.58
CA ILE A 1092 2.68 8.17 -18.64
C ILE A 1092 2.27 7.53 -17.30
N ASP A 1093 1.18 7.96 -16.67
CA ASP A 1093 0.76 7.12 -15.54
C ASP A 1093 -0.07 5.95 -16.00
N GLY A 1094 0.59 4.80 -15.96
CA GLY A 1094 -0.07 3.55 -16.14
C GLY A 1094 -1.20 3.47 -15.15
N ASP A 1095 -1.07 4.19 -14.04
CA ASP A 1095 -2.15 4.30 -13.08
C ASP A 1095 -3.45 4.67 -13.79
N LEU A 1096 -3.33 5.58 -14.76
CA LEU A 1096 -4.44 6.09 -15.60
C LEU A 1096 -4.71 5.20 -16.78
N ILE A 1097 -3.67 4.84 -17.50
CA ILE A 1097 -3.79 3.80 -18.51
C ILE A 1097 -4.54 2.63 -17.89
N GLU A 1098 -3.92 1.95 -16.92
CA GLU A 1098 -4.54 0.81 -16.25
C GLU A 1098 -6.00 1.09 -15.92
N SER A 1099 -6.29 2.33 -15.51
CA SER A 1099 -7.66 2.77 -15.20
C SER A 1099 -8.65 2.24 -16.26
N PHE A 1100 -8.26 2.30 -17.53
CA PHE A 1100 -8.98 1.68 -18.63
C PHE A 1100 -9.82 0.41 -18.31
N LEU A 1101 -9.21 -0.64 -17.80
CA LEU A 1101 -9.92 -1.91 -17.54
C LEU A 1101 -11.16 -1.75 -16.65
N ASP A 1102 -11.16 -0.80 -15.74
CA ASP A 1102 -12.32 -0.63 -14.88
C ASP A 1102 -13.51 -0.01 -15.61
N ILE A 1103 -13.34 0.30 -16.90
CA ILE A 1103 -14.37 0.99 -17.69
C ILE A 1103 -15.36 0.04 -18.39
N SER A 1104 -16.59 0.51 -18.56
CA SER A 1104 -17.62 -0.22 -19.30
C SER A 1104 -17.27 -0.28 -20.79
N ARG A 1105 -17.53 -1.43 -21.42
CA ARG A 1105 -17.22 -1.61 -22.85
C ARG A 1105 -17.82 -0.52 -23.78
N PRO A 1106 -19.02 -0.01 -23.45
CA PRO A 1106 -19.53 1.22 -24.12
C PRO A 1106 -18.55 2.40 -24.05
N LYS A 1107 -18.31 2.91 -22.84
CA LYS A 1107 -17.36 4.00 -22.62
C LYS A 1107 -15.95 3.64 -23.10
N MET A 1108 -15.72 2.35 -23.28
CA MET A 1108 -14.47 1.79 -23.75
C MET A 1108 -14.40 1.83 -25.27
N GLN A 1109 -15.56 1.72 -25.92
CA GLN A 1109 -15.63 1.78 -27.38
C GLN A 1109 -15.24 3.17 -27.84
N GLU A 1110 -15.81 4.18 -27.18
CA GLU A 1110 -15.54 5.60 -27.47
C GLU A 1110 -14.06 5.92 -27.52
N VAL A 1111 -13.33 5.28 -26.60
CA VAL A 1111 -11.89 5.45 -26.50
C VAL A 1111 -11.25 5.17 -27.86
N VAL A 1112 -12.02 4.56 -28.76
CA VAL A 1112 -11.54 4.38 -30.12
C VAL A 1112 -12.47 4.89 -31.22
N ALA A 1113 -11.83 5.46 -32.24
CA ALA A 1113 -12.47 5.92 -33.43
C ALA A 1113 -11.35 5.91 -34.46
N ASN A 1114 -10.13 5.75 -33.93
CA ASN A 1114 -8.89 5.44 -34.70
C ASN A 1114 -7.71 5.08 -33.79
N ARG A 1125 -0.23 0.26 -39.79
CA ARG A 1125 -0.93 0.82 -38.63
C ARG A 1125 -2.46 0.61 -38.73
N GLU A 1126 -3.09 0.38 -37.56
CA GLU A 1126 -4.50 0.02 -37.47
C GLU A 1126 -5.19 0.60 -36.21
N ALA A 1127 -6.48 0.31 -36.05
CA ALA A 1127 -7.26 0.74 -34.88
C ALA A 1127 -8.27 -0.34 -34.49
N THR A 1128 -8.49 -0.53 -33.19
CA THR A 1128 -9.32 -1.64 -32.70
C THR A 1128 -10.16 -1.31 -31.48
N ALA A 1129 -11.00 -2.27 -31.08
CA ALA A 1129 -11.96 -2.12 -29.98
C ALA A 1129 -11.57 -2.80 -28.66
N ASP A 1130 -10.61 -3.71 -28.73
CA ASP A 1130 -10.20 -4.52 -27.57
C ASP A 1130 -8.81 -5.09 -27.83
N ASP A 1131 -8.15 -4.52 -28.82
CA ASP A 1131 -6.75 -4.77 -29.01
C ASP A 1131 -6.07 -4.16 -27.80
N LEU A 1132 -6.66 -3.06 -27.31
CA LEU A 1132 -6.05 -2.20 -26.29
C LEU A 1132 -6.21 -2.82 -24.92
N ILE A 1133 -7.42 -3.28 -24.65
CA ILE A 1133 -7.67 -4.20 -23.54
C ILE A 1133 -6.52 -5.21 -23.35
N LYS A 1134 -5.88 -5.60 -24.47
CA LYS A 1134 -4.80 -6.57 -24.46
C LYS A 1134 -3.42 -5.91 -24.28
N VAL A 1135 -3.25 -4.70 -24.83
CA VAL A 1135 -2.05 -3.91 -24.60
C VAL A 1135 -1.94 -3.59 -23.09
N VAL A 1136 -3.07 -3.16 -22.51
CA VAL A 1136 -3.11 -2.72 -21.12
C VAL A 1136 -2.88 -3.87 -20.14
N GLU A 1137 -3.49 -5.03 -20.39
CA GLU A 1137 -3.18 -6.23 -19.61
C GLU A 1137 -1.68 -6.45 -19.62
N GLU A 1138 -1.10 -6.56 -20.81
CA GLU A 1138 0.31 -6.84 -20.94
C GLU A 1138 1.12 -5.95 -20.03
N LEU A 1139 0.63 -4.74 -19.74
CA LEU A 1139 1.37 -3.79 -18.93
C LEU A 1139 1.22 -4.08 -17.46
N THR A 1140 -0.01 -4.29 -17.00
CA THR A 1140 -0.27 -4.53 -15.57
C THR A 1140 0.72 -5.50 -15.01
N ARG A 1141 1.28 -6.35 -15.86
CA ARG A 1141 2.18 -7.39 -15.39
C ARG A 1141 3.67 -6.97 -15.30
N ILE A 1142 3.96 -5.67 -15.24
CA ILE A 1142 5.34 -5.23 -15.00
C ILE A 1142 5.67 -5.20 -13.52
N HIS A 1143 4.65 -5.34 -12.67
CA HIS A 1143 4.82 -5.15 -11.25
C HIS A 1143 3.89 -6.06 -10.47
N ASN B 1 20.60 22.87 11.72
CA ASN B 1 21.71 22.11 11.19
C ASN B 1 21.15 21.34 10.02
N ILE B 2 21.71 21.61 8.86
CA ILE B 2 21.11 21.18 7.63
C ILE B 2 21.04 19.64 7.51
N THR B 3 22.04 18.97 8.08
CA THR B 3 22.00 17.51 8.18
C THR B 3 20.78 17.07 8.98
N ARG B 4 20.46 17.76 10.05
CA ARG B 4 19.27 17.38 10.78
C ARG B 4 18.01 17.64 9.98
N ASP B 5 18.04 18.70 9.19
CA ASP B 5 16.88 19.09 8.40
C ASP B 5 16.58 18.06 7.35
N LEU B 6 17.64 17.47 6.81
CA LEU B 6 17.46 16.53 5.73
C LEU B 6 16.91 15.23 6.30
N ILE B 7 17.46 14.87 7.46
CA ILE B 7 16.98 13.73 8.18
C ILE B 7 15.51 13.93 8.50
N ARG B 8 15.14 15.12 8.98
CA ARG B 8 13.73 15.45 9.16
C ARG B 8 12.96 15.38 7.83
N ARG B 9 13.52 15.94 6.75
CA ARG B 9 12.82 15.97 5.43
C ARG B 9 12.47 14.52 5.06
N GLN B 10 13.28 13.52 5.38
CA GLN B 10 12.98 12.19 4.82
C GLN B 10 11.77 11.53 5.45
N ILE B 11 11.40 12.03 6.63
CA ILE B 11 10.27 11.61 7.43
C ILE B 11 9.03 12.55 7.22
N LYS B 12 9.21 13.54 6.31
CA LYS B 12 8.34 14.74 5.90
C LYS B 12 7.61 15.47 7.01
N GLU B 13 6.76 16.43 6.62
CA GLU B 13 6.04 17.40 7.51
C GLU B 13 6.15 17.23 9.03
#